data_4GCP
#
_entry.id   4GCP
#
_cell.length_a   116.600
_cell.length_b   116.600
_cell.length_c   53.270
_cell.angle_alpha   90.00
_cell.angle_beta   90.00
_cell.angle_gamma   120.00
#
_symmetry.space_group_name_H-M   'P 3'
#
loop_
_entity.id
_entity.type
_entity.pdbx_description
1 polymer 'Outer membrane protein F'
2 non-polymer '(2S,5R,6R)-6-{[(2R)-2-AMINO-2-PHENYLETHANOYL]AMINO}-3,3-DIMETHYL-7-OXO-4-THIA-1-AZABICYCLO[3.2.0]HEPTANE-2-CARBOXYLIC ACID'
3 water water
#
_entity_poly.entity_id   1
_entity_poly.type   'polypeptide(L)'
_entity_poly.pdbx_seq_one_letter_code
;GAEIYNKDGNKVDLYGKAVGLHYFSKGNGENSYGGNGDMTYARLGFKGETQINSDLTGYGQWEYNFQGNNSEGADAQTGN
KTRLAFAGLKYADVGSFDYGRNYGVVYDALGYTDMLPEFGGDTAYSDDFFVGRVGGVATYRNSNFFGLVDGLNFAVQYLG
KNERDTARRSNGDGVGGSISYEYEGFGIVGAYGAADRTNLQEAQPLGNGKKAEQWATGLKYDANNIYLAANYGETRNATP
ITNKFTNTSGFANKTQDVLLVAQYQFDFGLRPSIAYTKSKAKDVEGIGDVDLVNYFEVGATYYFNKNMSTYVDYIINQID
SDNKLGVGSDDTVAVGIVYQF
;
_entity_poly.pdbx_strand_id   A,B
#
# COMPACT_ATOMS: atom_id res chain seq x y z
N GLY A 9 -0.21 10.48 -30.89
CA GLY A 9 -0.73 11.06 -29.62
C GLY A 9 0.40 11.43 -28.67
N ASN A 10 1.27 12.35 -29.08
CA ASN A 10 2.29 12.88 -28.17
C ASN A 10 1.97 14.36 -27.85
N LYS A 11 2.21 14.74 -26.60
CA LYS A 11 2.02 16.13 -26.20
C LYS A 11 3.27 16.47 -25.40
N VAL A 12 3.99 17.54 -25.79
CA VAL A 12 5.17 18.08 -25.07
C VAL A 12 4.88 19.51 -24.64
N ASP A 13 5.04 19.81 -23.38
CA ASP A 13 4.95 21.18 -22.92
C ASP A 13 6.39 21.66 -22.74
N LEU A 14 6.78 22.69 -23.50
CA LEU A 14 8.01 23.38 -23.33
C LEU A 14 7.65 24.47 -22.32
N TYR A 15 8.34 24.54 -21.18
CA TYR A 15 7.94 25.52 -20.13
C TYR A 15 9.13 26.28 -19.60
N GLY A 16 8.86 27.40 -18.92
CA GLY A 16 9.91 27.99 -18.10
C GLY A 16 9.50 29.30 -17.44
N LYS A 17 10.48 29.98 -16.89
CA LYS A 17 10.18 31.22 -16.24
C LYS A 17 11.38 32.12 -16.15
N ALA A 18 11.10 33.41 -16.16
CA ALA A 18 12.12 34.38 -15.81
C ALA A 18 11.79 35.04 -14.51
N VAL A 19 12.72 35.04 -13.56
CA VAL A 19 12.41 35.57 -12.24
C VAL A 19 13.37 36.66 -11.76
N GLY A 20 12.94 37.93 -11.86
CA GLY A 20 13.68 39.05 -11.22
C GLY A 20 13.54 39.00 -9.71
N LEU A 21 14.67 38.85 -9.02
CA LEU A 21 14.59 38.56 -7.66
C LEU A 21 15.73 39.25 -6.88
N HIS A 22 15.36 39.92 -5.79
CA HIS A 22 16.37 40.65 -5.00
C HIS A 22 16.20 40.32 -3.51
N TYR A 23 17.29 40.05 -2.83
CA TYR A 23 17.31 39.76 -1.38
C TYR A 23 17.90 40.96 -0.60
N PHE A 24 17.17 41.43 0.40
CA PHE A 24 17.66 42.50 1.29
C PHE A 24 17.92 41.96 2.68
N SER A 25 19.18 41.94 3.08
CA SER A 25 19.55 41.65 4.43
C SER A 25 20.56 42.72 4.89
N LYS A 26 20.71 42.87 6.20
CA LYS A 26 21.49 43.99 6.69
C LYS A 26 22.96 43.68 6.41
N GLY A 27 23.68 44.76 6.06
CA GLY A 27 25.12 44.71 5.79
C GLY A 27 25.51 43.62 4.81
N ASN A 28 26.12 42.58 5.35
CA ASN A 28 26.78 41.54 4.54
C ASN A 28 25.96 40.84 3.41
N GLY A 29 24.81 40.20 3.61
CA GLY A 29 24.31 39.64 4.85
C GLY A 29 24.80 38.19 4.94
N GLU A 30 26.09 38.05 5.20
CA GLU A 30 26.74 36.76 5.44
C GLU A 30 26.38 36.21 6.81
N ASN A 31 25.78 37.04 7.67
CA ASN A 31 25.18 36.56 8.92
C ASN A 31 23.63 36.63 8.87
N SER A 32 23.05 36.53 7.66
CA SER A 32 21.59 36.48 7.50
C SER A 32 20.99 35.11 7.13
N TYR A 33 19.68 35.03 7.14
CA TYR A 33 18.99 33.80 6.70
C TYR A 33 19.29 33.48 5.19
N GLY A 34 19.04 34.44 4.32
CA GLY A 34 19.04 34.19 2.89
C GLY A 34 20.16 34.82 2.07
N GLY A 35 20.92 35.75 2.67
CA GLY A 35 21.94 36.52 1.93
C GLY A 35 21.39 37.84 1.44
N ASN A 36 22.18 38.54 0.62
CA ASN A 36 21.80 39.87 0.13
C ASN A 36 22.24 40.05 -1.36
N GLY A 37 21.48 40.74 -2.14
CA GLY A 37 21.92 40.99 -3.53
C GLY A 37 20.90 40.50 -4.55
N ASP A 38 21.27 40.67 -5.80
CA ASP A 38 20.56 40.11 -6.96
C ASP A 38 20.56 38.58 -6.82
N MET A 39 19.40 37.99 -7.03
CA MET A 39 19.22 36.50 -6.98
C MET A 39 18.34 36.07 -8.16
N THR A 40 18.20 36.94 -9.16
CA THR A 40 17.45 36.68 -10.46
C THR A 40 17.86 35.31 -11.10
N TYR A 41 16.93 34.60 -11.77
CA TYR A 41 17.23 33.35 -12.42
C TYR A 41 16.11 33.06 -13.39
N ALA A 42 16.40 32.07 -14.22
CA ALA A 42 15.41 31.56 -15.16
C ALA A 42 15.43 30.02 -15.04
N ARG A 43 14.34 29.43 -15.53
CA ARG A 43 14.16 28.00 -15.62
C ARG A 43 13.74 27.69 -17.05
N LEU A 44 14.14 26.53 -17.54
CA LEU A 44 13.60 26.05 -18.82
C LEU A 44 13.40 24.52 -18.67
N GLY A 45 12.39 23.95 -19.27
CA GLY A 45 12.23 22.51 -19.13
C GLY A 45 11.27 22.01 -20.18
N PHE A 46 11.13 20.69 -20.33
CA PHE A 46 10.04 20.16 -21.14
C PHE A 46 9.41 19.03 -20.30
N LYS A 47 8.11 18.78 -20.50
CA LYS A 47 7.49 17.57 -20.00
C LYS A 47 6.59 17.04 -21.05
N GLY A 48 6.75 15.75 -21.31
CA GLY A 48 6.06 15.16 -22.43
C GLY A 48 5.36 13.90 -22.01
N GLU A 49 4.23 13.63 -22.66
CA GLU A 49 3.63 12.35 -22.47
C GLU A 49 3.04 11.86 -23.77
N THR A 50 3.18 10.55 -23.98
CA THR A 50 2.74 9.91 -25.21
C THR A 50 1.73 8.78 -24.85
N GLN A 51 0.57 8.79 -25.50
CA GLN A 51 -0.45 7.77 -25.29
C GLN A 51 -0.08 6.59 -26.16
N ILE A 52 0.54 5.55 -25.56
CA ILE A 52 1.05 4.38 -26.28
C ILE A 52 -0.09 3.42 -26.68
N ASN A 53 -0.96 3.10 -25.72
CA ASN A 53 -2.28 2.54 -26.03
C ASN A 53 -3.24 3.08 -25.02
N SER A 54 -4.46 2.55 -25.01
CA SER A 54 -5.52 3.07 -24.15
C SER A 54 -5.19 2.92 -22.66
N ASP A 55 -4.29 1.99 -22.32
CA ASP A 55 -3.88 1.78 -20.92
C ASP A 55 -2.40 2.14 -20.54
N LEU A 56 -1.57 2.47 -21.52
CA LEU A 56 -0.15 2.68 -21.25
C LEU A 56 0.24 4.04 -21.84
N THR A 57 0.90 4.85 -21.02
CA THR A 57 1.41 6.19 -21.37
C THR A 57 2.90 6.23 -21.04
N GLY A 58 3.73 6.83 -21.91
CA GLY A 58 5.17 7.05 -21.60
C GLY A 58 5.35 8.56 -21.36
N TYR A 59 6.40 8.98 -20.65
CA TYR A 59 6.50 10.35 -20.26
C TYR A 59 7.96 10.60 -19.90
N GLY A 60 8.38 11.87 -19.96
CA GLY A 60 9.76 12.25 -19.57
C GLY A 60 9.69 13.73 -19.24
N GLN A 61 10.69 14.20 -18.53
CA GLN A 61 10.71 15.59 -18.11
C GLN A 61 12.18 15.95 -17.89
N TRP A 62 12.54 17.15 -18.29
CA TRP A 62 13.90 17.65 -17.95
C TRP A 62 13.65 19.11 -17.57
N GLU A 63 14.47 19.68 -16.68
CA GLU A 63 14.21 20.98 -16.12
C GLU A 63 15.56 21.49 -15.71
N TYR A 64 15.87 22.73 -16.11
CA TYR A 64 17.24 23.24 -15.84
C TYR A 64 17.15 24.63 -15.19
N ASN A 65 18.12 24.95 -14.38
CA ASN A 65 18.16 26.26 -13.70
C ASN A 65 19.33 27.06 -14.26
N PHE A 66 19.00 28.20 -14.85
CA PHE A 66 19.98 29.19 -15.31
C PHE A 66 20.05 30.39 -14.36
N GLN A 67 21.14 30.60 -13.63
CA GLN A 67 21.21 31.79 -12.75
C GLN A 67 21.32 33.03 -13.62
N GLY A 68 20.68 34.10 -13.20
CA GLY A 68 20.66 35.38 -13.94
C GLY A 68 21.45 36.41 -13.17
N ASN A 69 22.24 35.97 -12.19
CA ASN A 69 22.89 36.90 -11.31
C ASN A 69 24.39 36.66 -11.31
N ASN A 70 24.91 36.09 -12.39
CA ASN A 70 26.31 35.93 -12.61
C ASN A 70 26.74 36.90 -13.72
N SER A 71 28.04 37.18 -13.80
CA SER A 71 28.53 38.00 -14.90
C SER A 71 28.69 37.14 -16.17
N GLU A 72 29.17 37.71 -17.27
CA GLU A 72 29.42 36.87 -18.46
C GLU A 72 30.87 36.40 -18.53
N GLY A 73 31.63 36.62 -17.44
CA GLY A 73 32.99 36.10 -17.38
C GLY A 73 33.08 34.74 -16.69
N ALA A 74 34.05 34.60 -15.79
CA ALA A 74 34.48 33.27 -15.39
C ALA A 74 33.47 32.60 -14.48
N ASP A 75 32.74 33.41 -13.73
CA ASP A 75 31.75 32.88 -12.83
C ASP A 75 30.40 32.61 -13.56
N ALA A 76 30.38 32.65 -14.89
CA ALA A 76 29.09 32.59 -15.66
C ALA A 76 28.20 31.36 -15.32
N GLN A 77 28.81 30.23 -14.95
CA GLN A 77 28.05 29.01 -14.67
C GLN A 77 27.68 28.75 -13.21
N THR A 78 27.99 29.67 -12.29
CA THR A 78 27.73 29.44 -10.86
C THR A 78 26.25 29.19 -10.63
N GLY A 79 25.95 28.06 -9.96
CA GLY A 79 24.56 27.66 -9.62
C GLY A 79 23.68 27.19 -10.79
N ASN A 80 24.25 26.93 -11.95
CA ASN A 80 23.42 26.40 -13.08
C ASN A 80 23.47 24.88 -12.96
N LYS A 81 22.37 24.22 -13.26
CA LYS A 81 22.25 22.80 -13.05
C LYS A 81 20.95 22.28 -13.65
N THR A 82 20.97 20.98 -13.97
CA THR A 82 19.79 20.28 -14.25
C THR A 82 19.13 19.98 -12.90
N ARG A 83 17.83 20.19 -12.83
CA ARG A 83 17.06 19.92 -11.63
C ARG A 83 16.39 18.55 -11.66
N LEU A 84 15.82 18.20 -12.81
CA LEU A 84 15.04 16.97 -13.06
C LEU A 84 15.50 16.42 -14.42
N ALA A 85 15.60 15.08 -14.50
CA ALA A 85 15.88 14.41 -15.81
C ALA A 85 15.49 12.96 -15.64
N PHE A 86 14.32 12.55 -16.16
CA PHE A 86 13.83 11.24 -15.91
C PHE A 86 12.85 10.89 -16.98
N ALA A 87 12.61 9.59 -17.13
CA ALA A 87 11.57 9.12 -18.07
C ALA A 87 10.82 7.90 -17.46
N GLY A 88 9.56 7.63 -17.85
CA GLY A 88 8.91 6.49 -17.25
C GLY A 88 7.67 6.03 -18.04
N LEU A 89 6.99 5.04 -17.48
CA LEU A 89 5.74 4.43 -18.03
C LEU A 89 4.66 4.38 -16.99
N LYS A 90 3.41 4.56 -17.40
CA LYS A 90 2.33 4.60 -16.48
C LYS A 90 1.26 3.67 -17.09
N TYR A 91 0.89 2.63 -16.36
CA TYR A 91 0.01 1.61 -16.88
C TYR A 91 -1.30 1.61 -16.12
N ALA A 92 -2.39 1.95 -16.83
CA ALA A 92 -3.80 1.93 -16.36
C ALA A 92 -3.93 2.21 -14.88
N ASP A 93 -4.24 1.20 -14.08
CA ASP A 93 -4.41 1.48 -12.66
C ASP A 93 -3.30 0.86 -11.84
N VAL A 94 -2.40 0.18 -12.55
CA VAL A 94 -1.30 -0.58 -11.98
C VAL A 94 -0.23 0.30 -11.34
N GLY A 95 0.04 1.44 -11.98
CA GLY A 95 1.01 2.40 -11.46
C GLY A 95 1.99 2.94 -12.52
N SER A 96 2.84 3.84 -12.03
CA SER A 96 3.84 4.48 -12.85
C SER A 96 5.22 4.03 -12.37
N PHE A 97 6.18 3.94 -13.28
N PHE A 97 6.21 4.04 -13.28
CA PHE A 97 7.55 3.66 -12.89
CA PHE A 97 7.56 3.53 -13.01
C PHE A 97 8.34 4.66 -13.71
C PHE A 97 8.58 4.42 -13.75
N ASP A 98 9.30 5.30 -13.04
CA ASP A 98 10.26 6.23 -13.70
C ASP A 98 11.65 6.11 -13.09
N TYR A 99 12.67 6.44 -13.89
CA TYR A 99 14.05 6.44 -13.42
C TYR A 99 14.84 7.73 -13.85
N GLY A 100 15.73 8.24 -13.00
CA GLY A 100 16.63 9.35 -13.38
C GLY A 100 16.84 10.29 -12.20
N ARG A 101 16.91 11.59 -12.48
CA ARG A 101 17.08 12.62 -11.39
C ARG A 101 15.67 13.11 -11.08
N ASN A 102 15.21 12.84 -9.84
CA ASN A 102 13.79 13.16 -9.57
C ASN A 102 13.67 13.51 -8.09
N TYR A 103 12.50 13.85 -7.65
CA TYR A 103 12.28 14.11 -6.20
C TYR A 103 12.36 12.84 -5.36
N GLY A 104 13.18 12.91 -4.29
CA GLY A 104 13.11 11.94 -3.19
C GLY A 104 11.66 11.75 -2.68
N VAL A 105 11.34 10.50 -2.33
CA VAL A 105 9.97 10.13 -1.95
C VAL A 105 9.60 10.71 -0.54
N VAL A 106 10.59 11.05 0.27
CA VAL A 106 10.31 11.86 1.51
C VAL A 106 9.77 13.28 1.20
N TYR A 107 10.14 13.83 0.04
CA TYR A 107 9.55 15.07 -0.41
C TYR A 107 8.02 14.93 -0.60
N ASP A 108 7.49 13.69 -0.73
CA ASP A 108 6.03 13.47 -0.86
C ASP A 108 5.31 13.95 0.41
N ALA A 109 6.05 13.96 1.52
CA ALA A 109 5.58 14.58 2.78
C ALA A 109 5.99 16.04 2.81
N LEU A 110 7.29 16.33 2.62
CA LEU A 110 7.81 17.70 2.76
C LEU A 110 7.21 18.71 1.80
N GLY A 111 6.60 18.23 0.69
CA GLY A 111 5.93 19.19 -0.24
C GLY A 111 4.76 19.95 0.40
N TYR A 112 4.21 19.39 1.49
CA TYR A 112 2.91 19.90 2.01
C TYR A 112 3.12 21.35 2.45
N THR A 113 4.27 21.60 3.07
CA THR A 113 4.62 22.94 3.54
C THR A 113 5.63 23.77 2.67
N ASP A 114 6.14 23.17 1.57
CA ASP A 114 7.10 23.84 0.64
C ASP A 114 6.31 24.73 -0.31
N MET A 115 5.66 25.77 0.23
CA MET A 115 4.63 26.51 -0.51
C MET A 115 4.84 28.03 -0.32
N LEU A 116 5.97 28.43 0.25
CA LEU A 116 6.14 29.87 0.49
C LEU A 116 6.47 30.67 -0.81
N PRO A 117 6.20 32.00 -0.81
CA PRO A 117 6.46 32.79 -2.02
C PRO A 117 7.88 32.59 -2.49
N GLU A 118 8.84 32.62 -1.58
CA GLU A 118 10.21 32.48 -1.97
C GLU A 118 10.97 31.47 -1.13
N PHE A 119 10.79 31.51 0.20
CA PHE A 119 11.69 30.70 1.02
C PHE A 119 10.96 29.37 1.38
N GLY A 120 11.07 28.89 2.62
CA GLY A 120 10.41 27.65 3.05
C GLY A 120 11.06 26.38 2.54
N GLY A 121 10.48 25.22 2.89
CA GLY A 121 11.01 23.93 2.45
C GLY A 121 12.44 23.73 2.88
N ASP A 122 12.78 24.25 4.06
CA ASP A 122 14.23 24.25 4.50
C ASP A 122 14.84 22.91 4.73
N THR A 123 14.03 21.88 4.94
CA THR A 123 14.70 20.58 5.24
C THR A 123 14.77 19.67 3.96
N ALA A 124 14.14 20.16 2.86
CA ALA A 124 14.13 19.44 1.61
C ALA A 124 15.42 19.74 0.81
N TYR A 125 16.63 19.46 1.38
CA TYR A 125 17.92 19.61 0.74
C TYR A 125 18.04 18.79 -0.57
N SER A 126 18.61 19.42 -1.58
CA SER A 126 19.09 18.74 -2.80
C SER A 126 20.19 17.74 -2.55
N ASP A 127 20.16 16.65 -3.33
CA ASP A 127 21.20 15.62 -3.23
C ASP A 127 21.44 15.28 -1.75
N ASP A 128 20.35 14.90 -1.10
CA ASP A 128 20.39 14.56 0.31
C ASP A 128 19.46 13.38 0.58
N PHE A 129 19.82 12.22 0.02
CA PHE A 129 19.05 11.01 0.19
C PHE A 129 17.64 11.18 -0.33
N PHE A 130 16.63 11.20 0.55
CA PHE A 130 15.24 11.14 0.13
C PHE A 130 14.43 12.43 0.21
N VAL A 131 15.06 13.50 0.69
CA VAL A 131 14.25 14.73 1.02
C VAL A 131 14.09 15.78 -0.11
N GLY A 132 14.86 15.62 -1.17
CA GLY A 132 14.80 16.64 -2.27
C GLY A 132 15.19 15.96 -3.56
N ARG A 133 15.57 16.75 -4.56
CA ARG A 133 15.90 16.20 -5.88
C ARG A 133 17.20 15.44 -5.76
N VAL A 134 17.26 14.29 -6.41
CA VAL A 134 18.44 13.47 -6.24
C VAL A 134 18.61 12.62 -7.48
N GLY A 135 19.83 12.20 -7.74
CA GLY A 135 20.14 11.43 -8.96
C GLY A 135 20.06 9.94 -8.76
N GLY A 136 19.58 9.23 -9.77
CA GLY A 136 19.66 7.77 -9.82
C GLY A 136 18.58 7.07 -8.98
N VAL A 137 17.32 7.55 -9.01
CA VAL A 137 16.26 6.96 -8.26
C VAL A 137 15.23 6.34 -9.19
N ALA A 138 14.79 5.12 -8.84
CA ALA A 138 13.72 4.47 -9.55
C ALA A 138 12.53 4.53 -8.64
N THR A 139 11.43 5.06 -9.14
CA THR A 139 10.34 5.35 -8.28
C THR A 139 9.12 4.76 -8.87
N TYR A 140 8.38 4.01 -8.06
CA TYR A 140 7.08 3.46 -8.43
C TYR A 140 5.95 4.20 -7.67
N ARG A 141 4.84 4.56 -8.32
CA ARG A 141 3.80 5.26 -7.62
C ARG A 141 2.48 4.68 -8.03
N ASN A 142 1.52 4.75 -7.09
CA ASN A 142 0.24 4.09 -7.25
C ASN A 142 -0.86 5.06 -6.89
N SER A 143 -1.85 5.20 -7.70
CA SER A 143 -2.91 6.06 -7.33
C SER A 143 -4.13 5.28 -7.02
N ASN A 144 -4.75 5.70 -5.89
CA ASN A 144 -6.03 5.22 -5.48
C ASN A 144 -5.95 3.67 -5.24
N PHE A 145 -4.88 3.16 -4.63
CA PHE A 145 -4.67 1.71 -4.44
C PHE A 145 -5.17 0.86 -5.60
N PHE A 146 -4.43 0.92 -6.72
CA PHE A 146 -4.77 0.11 -7.91
C PHE A 146 -6.12 0.41 -8.50
N GLY A 147 -6.65 1.59 -8.21
CA GLY A 147 -7.98 1.98 -8.75
C GLY A 147 -9.05 1.49 -7.77
N LEU A 148 -8.64 0.92 -6.63
CA LEU A 148 -9.63 0.31 -5.75
C LEU A 148 -10.08 1.20 -4.60
N VAL A 149 -9.18 2.07 -4.12
CA VAL A 149 -9.54 2.95 -2.98
C VAL A 149 -9.22 4.40 -3.33
N ASP A 150 -10.26 5.14 -3.75
CA ASP A 150 -10.21 6.61 -3.96
C ASP A 150 -9.45 7.30 -2.85
N GLY A 151 -8.31 7.87 -3.16
CA GLY A 151 -7.64 8.92 -2.33
C GLY A 151 -6.49 8.33 -1.58
N LEU A 152 -6.37 6.99 -1.65
CA LEU A 152 -5.23 6.30 -1.03
C LEU A 152 -4.09 6.10 -2.06
N ASN A 153 -2.87 6.58 -1.77
CA ASN A 153 -1.79 6.51 -2.74
C ASN A 153 -0.57 6.04 -2.00
N PHE A 154 0.39 5.45 -2.71
CA PHE A 154 1.67 5.09 -2.05
C PHE A 154 2.82 5.10 -3.05
N ALA A 155 4.08 4.99 -2.60
CA ALA A 155 5.08 4.92 -3.58
C ALA A 155 6.26 4.26 -2.88
N VAL A 156 7.16 3.66 -3.66
CA VAL A 156 8.45 3.19 -3.13
C VAL A 156 9.53 3.68 -4.11
N GLN A 157 10.75 3.84 -3.60
CA GLN A 157 11.73 4.42 -4.35
C GLN A 157 12.99 3.73 -4.01
N TYR A 158 13.75 3.38 -5.06
CA TYR A 158 15.06 2.76 -4.91
C TYR A 158 16.13 3.75 -5.32
N LEU A 159 17.03 4.04 -4.41
CA LEU A 159 18.07 4.98 -4.60
C LEU A 159 19.37 4.25 -4.82
N GLY A 160 20.01 4.45 -6.00
CA GLY A 160 21.30 3.84 -6.24
C GLY A 160 22.41 4.68 -5.67
N LYS A 161 23.47 4.03 -5.19
CA LYS A 161 24.58 4.77 -4.68
C LYS A 161 25.14 5.83 -5.69
N ASN A 162 25.50 7.02 -5.17
CA ASN A 162 26.17 8.05 -5.95
C ASN A 162 27.41 8.47 -5.18
N GLU A 163 28.56 7.85 -5.49
CA GLU A 163 29.80 8.18 -4.80
C GLU A 163 30.45 9.29 -5.54
N ARG A 164 30.16 10.51 -5.08
CA ARG A 164 30.61 11.75 -5.71
C ARG A 164 31.88 12.27 -5.04
N ASP A 165 32.38 13.41 -5.52
CA ASP A 165 33.62 13.98 -5.02
C ASP A 165 33.47 14.70 -3.68
N THR A 166 32.22 14.90 -3.23
CA THR A 166 32.01 15.52 -1.91
C THR A 166 31.06 14.66 -1.07
N ALA A 167 31.24 14.73 0.25
CA ALA A 167 30.38 14.02 1.19
C ALA A 167 29.01 14.60 1.09
N ARG A 168 28.94 15.93 0.99
CA ARG A 168 27.63 16.58 1.04
C ARG A 168 26.64 16.06 -0.07
N ARG A 169 27.19 15.65 -1.20
CA ARG A 169 26.42 15.34 -2.43
C ARG A 169 26.32 13.81 -2.75
N SER A 170 27.01 13.01 -1.93
CA SER A 170 27.01 11.54 -2.03
C SER A 170 25.83 10.84 -1.32
N ASN A 171 25.54 9.59 -1.71
CA ASN A 171 24.70 8.66 -0.95
C ASN A 171 25.12 7.24 -1.31
N GLY A 172 24.84 6.26 -0.43
CA GLY A 172 24.93 4.82 -0.80
C GLY A 172 23.55 4.37 -1.19
N ASP A 173 23.35 3.06 -1.44
CA ASP A 173 22.04 2.50 -1.81
C ASP A 173 21.03 2.65 -0.69
N GLY A 174 19.74 2.75 -1.02
CA GLY A 174 18.69 2.86 -0.05
C GLY A 174 17.33 2.63 -0.67
N VAL A 175 16.32 2.51 0.20
CA VAL A 175 14.90 2.31 -0.19
C VAL A 175 14.13 3.29 0.69
N GLY A 176 13.02 3.84 0.16
CA GLY A 176 12.17 4.76 0.91
C GLY A 176 10.77 4.59 0.32
N GLY A 177 9.74 5.10 0.97
CA GLY A 177 8.34 4.93 0.37
C GLY A 177 7.49 5.94 1.08
N SER A 178 6.19 5.99 0.75
CA SER A 178 5.40 7.06 1.22
C SER A 178 4.02 6.46 1.07
N ILE A 179 3.11 6.85 1.95
CA ILE A 179 1.67 6.50 1.82
C ILE A 179 0.93 7.79 2.22
N SER A 180 -0.16 8.09 1.54
CA SER A 180 -0.92 9.28 1.85
C SER A 180 -2.34 8.93 1.58
N TYR A 181 -3.24 9.69 2.21
CA TYR A 181 -4.67 9.54 1.98
C TYR A 181 -5.24 10.97 2.01
N GLU A 182 -6.12 11.23 1.03
CA GLU A 182 -6.78 12.51 0.81
C GLU A 182 -8.28 12.29 0.65
N TYR A 183 -9.05 13.14 1.30
CA TYR A 183 -10.50 13.06 1.29
C TYR A 183 -11.11 14.46 1.49
N GLU A 184 -11.81 14.95 0.46
CA GLU A 184 -12.54 16.24 0.44
C GLU A 184 -11.76 17.35 1.17
N GLY A 185 -10.57 17.63 0.66
CA GLY A 185 -9.85 18.75 1.19
C GLY A 185 -8.78 18.42 2.16
N PHE A 186 -8.93 17.34 2.91
CA PHE A 186 -7.89 16.97 3.88
C PHE A 186 -6.88 15.99 3.25
N GLY A 187 -5.67 15.94 3.80
CA GLY A 187 -4.67 15.04 3.32
C GLY A 187 -3.82 14.65 4.49
N ILE A 188 -3.51 13.37 4.65
CA ILE A 188 -2.44 12.97 5.56
C ILE A 188 -1.36 12.20 4.75
N VAL A 189 -0.09 12.22 5.18
CA VAL A 189 0.95 11.50 4.47
C VAL A 189 2.01 11.13 5.49
N GLY A 190 2.62 9.96 5.30
CA GLY A 190 3.91 9.65 5.99
C GLY A 190 4.98 9.15 5.00
N ALA A 191 6.28 9.32 5.30
CA ALA A 191 7.29 8.91 4.37
C ALA A 191 8.49 8.61 5.20
N TYR A 192 9.26 7.63 4.75
CA TYR A 192 10.46 7.21 5.45
C TYR A 192 11.45 6.69 4.43
N GLY A 193 12.72 6.92 4.62
CA GLY A 193 13.65 6.29 3.75
C GLY A 193 14.90 6.07 4.53
N ALA A 194 15.66 5.04 4.15
CA ALA A 194 17.01 4.77 4.72
C ALA A 194 17.94 4.28 3.65
N ALA A 195 19.24 4.55 3.83
CA ALA A 195 20.24 4.30 2.82
C ALA A 195 21.58 4.21 3.56
N ASP A 196 22.55 3.48 3.02
CA ASP A 196 23.93 3.51 3.53
C ASP A 196 24.55 4.86 3.25
N ARG A 197 25.56 5.20 4.06
CA ARG A 197 26.41 6.33 3.82
C ARG A 197 27.68 5.80 3.17
N THR A 198 28.45 6.68 2.57
CA THR A 198 29.60 6.24 1.84
C THR A 198 30.80 6.51 2.77
N ASN A 199 31.95 5.95 2.46
CA ASN A 199 33.10 6.18 3.38
C ASN A 199 33.55 7.63 3.49
N LEU A 200 33.38 8.38 2.39
CA LEU A 200 33.70 9.81 2.39
C LEU A 200 32.76 10.54 3.37
N GLN A 201 31.49 10.19 3.36
CA GLN A 201 30.60 10.74 4.37
C GLN A 201 30.99 10.35 5.82
N GLU A 202 31.33 9.09 6.03
CA GLU A 202 31.70 8.57 7.34
C GLU A 202 32.99 9.24 7.88
N ALA A 203 33.88 9.58 6.98
CA ALA A 203 35.14 10.24 7.30
C ALA A 203 34.93 11.72 7.69
N GLN A 204 33.69 12.21 7.59
CA GLN A 204 33.46 13.61 7.97
C GLN A 204 33.53 13.75 9.50
N PRO A 205 34.10 14.86 10.00
CA PRO A 205 34.18 15.06 11.44
C PRO A 205 32.79 15.13 12.07
N LEU A 206 31.82 15.73 11.38
CA LEU A 206 30.44 15.80 11.89
C LEU A 206 29.55 14.68 11.34
N GLY A 207 28.94 13.92 12.25
CA GLY A 207 28.11 12.76 11.91
C GLY A 207 28.81 11.42 11.97
N ASN A 208 28.12 10.48 12.60
CA ASN A 208 28.65 9.15 12.83
C ASN A 208 27.57 8.07 12.72
N GLY A 209 27.80 7.09 11.85
CA GLY A 209 26.88 5.94 11.71
C GLY A 209 26.90 5.36 10.30
N LYS A 210 26.32 4.19 10.11
CA LYS A 210 26.38 3.53 8.81
C LYS A 210 25.18 3.81 7.91
N LYS A 211 24.05 4.15 8.53
CA LYS A 211 22.80 4.36 7.83
C LYS A 211 22.30 5.80 8.04
N ALA A 212 21.95 6.46 6.97
CA ALA A 212 21.14 7.70 7.05
C ALA A 212 19.66 7.29 7.01
N GLU A 213 18.80 8.02 7.73
CA GLU A 213 17.35 7.82 7.75
C GLU A 213 16.62 9.16 7.74
N GLN A 214 15.41 9.21 7.20
CA GLN A 214 14.72 10.47 7.14
C GLN A 214 13.29 10.08 7.20
N TRP A 215 12.52 10.70 8.07
CA TRP A 215 11.07 10.48 7.93
C TRP A 215 10.36 11.75 8.25
N ALA A 216 9.12 11.82 7.78
CA ALA A 216 8.39 13.00 7.94
C ALA A 216 6.94 12.66 7.73
N THR A 217 6.05 13.36 8.43
CA THR A 217 4.61 13.22 8.25
C THR A 217 3.98 14.56 7.86
N GLY A 218 2.79 14.53 7.27
CA GLY A 218 2.17 15.78 6.97
C GLY A 218 0.68 15.74 7.11
N LEU A 219 0.11 16.86 7.57
CA LEU A 219 -1.33 17.08 7.56
C LEU A 219 -1.65 18.32 6.81
N LYS A 220 -2.76 18.34 6.11
CA LYS A 220 -3.07 19.57 5.43
C LYS A 220 -4.57 19.68 5.16
N TYR A 221 -4.98 20.91 4.95
CA TYR A 221 -6.31 21.20 4.45
C TYR A 221 -6.10 22.14 3.30
N ASP A 222 -6.81 21.88 2.21
CA ASP A 222 -6.53 22.47 0.91
C ASP A 222 -7.82 22.46 0.15
N ALA A 223 -8.71 23.37 0.50
CA ALA A 223 -10.01 23.56 -0.21
C ALA A 223 -10.55 24.93 0.19
N ASN A 224 -11.60 25.37 -0.47
CA ASN A 224 -12.25 26.65 -0.13
C ASN A 224 -11.31 27.85 -0.01
N ASN A 225 -10.28 27.88 -0.88
CA ASN A 225 -9.25 28.96 -0.92
C ASN A 225 -8.40 29.03 0.31
N ILE A 226 -8.48 28.01 1.16
CA ILE A 226 -7.61 27.97 2.35
C ILE A 226 -6.52 26.92 2.10
N TYR A 227 -5.30 27.15 2.67
CA TYR A 227 -4.23 26.17 2.65
C TYR A 227 -3.55 26.14 4.01
N LEU A 228 -3.65 25.05 4.75
CA LEU A 228 -3.01 24.93 6.06
C LEU A 228 -2.28 23.63 6.07
N ALA A 229 -1.03 23.62 6.51
CA ALA A 229 -0.34 22.38 6.45
C ALA A 229 0.71 22.37 7.50
N ALA A 230 1.07 21.16 7.94
CA ALA A 230 2.13 21.01 8.95
C ALA A 230 2.93 19.77 8.57
N ASN A 231 4.23 19.77 8.87
CA ASN A 231 5.10 18.63 8.68
C ASN A 231 5.89 18.47 9.91
N TYR A 232 6.13 17.23 10.33
CA TYR A 232 7.04 16.95 11.45
C TYR A 232 7.96 15.83 11.02
N GLY A 233 9.26 15.96 11.27
CA GLY A 233 10.10 14.88 10.85
C GLY A 233 11.35 14.77 11.63
N GLU A 234 12.00 13.64 11.46
CA GLU A 234 13.29 13.45 12.05
C GLU A 234 14.25 12.87 11.04
N THR A 235 15.53 12.96 11.35
CA THR A 235 16.55 12.45 10.49
C THR A 235 17.67 11.93 11.37
N ARG A 236 18.39 10.91 10.91
CA ARG A 236 19.66 10.55 11.50
C ARG A 236 20.78 10.53 10.47
N ASN A 237 21.92 11.15 10.78
CA ASN A 237 23.06 11.06 9.92
C ASN A 237 22.78 11.51 8.46
N ALA A 238 21.78 12.37 8.25
CA ALA A 238 21.27 12.72 6.94
C ALA A 238 21.26 14.25 6.63
N THR A 239 20.95 15.10 7.61
CA THR A 239 20.90 16.56 7.40
C THR A 239 22.30 17.15 7.34
N PRO A 240 22.66 17.83 6.21
CA PRO A 240 24.05 18.27 6.13
C PRO A 240 24.27 19.54 6.93
N ILE A 241 25.45 19.70 7.51
CA ILE A 241 25.70 20.88 8.35
C ILE A 241 27.16 21.31 8.25
N THR A 242 27.38 22.60 8.48
CA THR A 242 28.76 23.13 8.57
C THR A 242 28.85 23.90 9.87
N ASN A 243 30.03 23.91 10.49
CA ASN A 243 30.35 24.86 11.57
C ASN A 243 31.25 25.94 11.02
N LYS A 244 30.71 27.13 10.75
CA LYS A 244 31.51 28.24 10.18
C LYS A 244 32.78 28.50 11.02
N PHE A 245 32.66 28.31 12.34
CA PHE A 245 33.76 28.56 13.30
C PHE A 245 35.08 27.83 13.04
N THR A 246 35.05 26.49 13.06
CA THR A 246 36.21 25.64 12.77
C THR A 246 36.32 25.25 11.28
N ASN A 247 35.38 25.75 10.48
CA ASN A 247 35.20 25.32 9.10
C ASN A 247 35.18 23.78 8.86
N THR A 248 34.44 23.06 9.69
CA THR A 248 34.25 21.63 9.49
C THR A 248 32.79 21.36 9.12
N SER A 249 32.55 20.26 8.43
CA SER A 249 31.21 19.99 7.96
C SER A 249 30.91 18.50 7.94
N GLY A 250 29.65 18.16 7.70
CA GLY A 250 29.26 16.77 7.56
C GLY A 250 27.78 16.72 7.79
N PHE A 251 27.33 15.79 8.63
CA PHE A 251 25.91 15.59 8.83
C PHE A 251 25.51 15.56 10.31
N ALA A 252 24.31 16.08 10.60
CA ALA A 252 23.79 16.05 11.94
C ALA A 252 23.39 14.64 12.34
N ASN A 253 23.92 14.19 13.49
CA ASN A 253 23.58 12.88 14.03
C ASN A 253 22.08 12.71 14.16
N LYS A 254 21.38 13.71 14.69
CA LYS A 254 19.92 13.73 14.67
C LYS A 254 19.39 15.14 14.38
N THR A 255 18.14 15.21 13.89
CA THR A 255 17.43 16.47 13.86
C THR A 255 15.95 16.20 14.02
N GLN A 256 15.22 17.22 14.44
CA GLN A 256 13.78 17.17 14.54
C GLN A 256 13.37 18.49 13.95
N ASP A 257 12.31 18.46 13.15
CA ASP A 257 12.03 19.48 12.18
C ASP A 257 10.54 19.66 12.26
N VAL A 258 10.08 20.89 12.31
CA VAL A 258 8.65 21.14 12.16
C VAL A 258 8.50 22.29 11.22
N LEU A 259 7.40 22.31 10.46
CA LEU A 259 7.14 23.41 9.55
C LEU A 259 5.66 23.53 9.55
N LEU A 260 5.17 24.77 9.66
CA LEU A 260 3.76 25.07 9.55
C LEU A 260 3.57 26.15 8.53
N VAL A 261 2.41 26.17 7.89
CA VAL A 261 2.16 27.15 6.91
C VAL A 261 0.69 27.38 6.86
N ALA A 262 0.28 28.64 6.70
CA ALA A 262 -1.10 28.93 6.49
C ALA A 262 -1.18 30.02 5.46
N GLN A 263 -2.14 29.92 4.58
CA GLN A 263 -2.21 30.79 3.46
C GLN A 263 -3.63 30.86 3.07
N TYR A 264 -4.00 31.93 2.35
CA TYR A 264 -5.37 32.09 1.86
C TYR A 264 -5.34 32.63 0.45
N GLN A 265 -6.19 32.16 -0.47
CA GLN A 265 -6.13 32.69 -1.80
C GLN A 265 -7.36 33.53 -2.10
N PHE A 266 -7.19 34.87 -2.16
CA PHE A 266 -8.30 35.77 -2.50
C PHE A 266 -8.55 35.59 -3.97
N ASP A 267 -9.80 35.75 -4.35
CA ASP A 267 -10.23 35.65 -5.78
C ASP A 267 -9.60 36.75 -6.62
N PHE A 268 -9.32 37.90 -6.02
CA PHE A 268 -8.79 39.01 -6.80
C PHE A 268 -7.28 38.82 -7.06
N GLY A 269 -6.69 37.77 -6.49
CA GLY A 269 -5.33 37.41 -6.84
C GLY A 269 -4.29 37.49 -5.77
N LEU A 270 -4.63 38.05 -4.61
CA LEU A 270 -3.58 38.11 -3.54
C LEU A 270 -3.56 36.84 -2.75
N ARG A 271 -2.36 36.42 -2.32
CA ARG A 271 -2.17 35.16 -1.52
C ARG A 271 -1.22 35.35 -0.36
N PRO A 272 -1.77 35.80 0.76
CA PRO A 272 -0.99 35.95 1.96
C PRO A 272 -0.53 34.63 2.54
N SER A 273 0.61 34.66 3.23
CA SER A 273 1.15 33.48 3.78
C SER A 273 1.75 33.86 5.10
N ILE A 274 1.64 32.95 6.08
CA ILE A 274 2.37 33.01 7.30
C ILE A 274 2.88 31.62 7.57
N ALA A 275 4.05 31.51 8.21
CA ALA A 275 4.62 30.22 8.32
C ALA A 275 5.50 30.23 9.52
N TYR A 276 5.76 29.02 10.04
CA TYR A 276 6.77 28.80 11.06
C TYR A 276 7.64 27.62 10.69
N THR A 277 8.93 27.70 10.96
CA THR A 277 9.83 26.62 10.68
C THR A 277 10.93 26.50 11.73
N LYS A 278 11.18 25.28 12.22
CA LYS A 278 12.30 25.04 13.11
C LYS A 278 12.85 23.65 12.87
N SER A 279 14.17 23.61 12.80
CA SER A 279 14.90 22.40 12.66
C SER A 279 16.05 22.49 13.66
N LYS A 280 16.09 21.54 14.59
CA LYS A 280 17.16 21.49 15.59
C LYS A 280 17.94 20.20 15.42
N ALA A 281 19.25 20.34 15.42
CA ALA A 281 20.17 19.23 15.41
C ALA A 281 20.47 18.81 16.85
N LYS A 282 20.75 17.52 17.05
CA LYS A 282 21.10 16.96 18.35
C LYS A 282 22.35 16.11 18.21
N ASP A 283 23.08 15.96 19.31
CA ASP A 283 24.29 15.14 19.36
C ASP A 283 25.35 15.55 18.35
N VAL A 284 25.32 16.81 17.93
CA VAL A 284 26.32 17.31 17.01
C VAL A 284 27.66 17.21 17.72
N GLU A 285 28.56 16.38 17.20
CA GLU A 285 29.86 16.23 17.89
C GLU A 285 30.56 17.57 18.18
N GLY A 286 30.85 17.77 19.46
CA GLY A 286 31.56 18.96 19.91
C GLY A 286 30.64 20.09 20.28
N ILE A 287 29.32 19.88 20.24
CA ILE A 287 28.35 20.96 20.52
C ILE A 287 27.10 20.57 21.30
N GLY A 288 26.53 19.40 21.03
CA GLY A 288 25.28 19.03 21.66
C GLY A 288 24.08 19.46 20.83
N ASP A 289 23.12 20.13 21.46
CA ASP A 289 21.95 20.69 20.77
C ASP A 289 22.15 22.08 20.13
N VAL A 290 21.76 22.20 18.85
CA VAL A 290 21.88 23.47 18.11
C VAL A 290 20.83 23.63 17.02
N ASP A 291 20.22 24.80 16.96
CA ASP A 291 19.21 25.10 15.96
C ASP A 291 19.87 25.27 14.59
N LEU A 292 19.18 24.81 13.55
CA LEU A 292 19.72 24.91 12.20
C LEU A 292 18.94 25.99 11.54
N VAL A 293 17.61 25.94 11.74
CA VAL A 293 16.65 26.85 11.15
C VAL A 293 15.62 27.14 12.23
N ASN A 294 15.21 28.39 12.32
CA ASN A 294 14.22 28.80 13.29
C ASN A 294 13.77 30.17 12.95
N TYR A 295 12.57 30.30 12.36
CA TYR A 295 12.14 31.58 11.88
C TYR A 295 10.62 31.61 11.78
N PHE A 296 10.06 32.82 11.71
CA PHE A 296 8.64 33.01 11.35
C PHE A 296 8.66 33.65 10.00
N GLU A 297 7.57 33.53 9.23
CA GLU A 297 7.57 34.09 7.91
C GLU A 297 6.25 34.77 7.75
N VAL A 298 6.26 35.96 7.14
CA VAL A 298 5.05 36.57 6.58
C VAL A 298 5.39 37.02 5.18
N GLY A 299 4.44 36.85 4.26
CA GLY A 299 4.76 37.25 2.92
C GLY A 299 3.50 37.18 2.14
N ALA A 300 3.59 37.53 0.86
CA ALA A 300 2.42 37.40 -0.01
C ALA A 300 2.89 37.30 -1.45
N THR A 301 2.02 36.71 -2.27
CA THR A 301 2.20 36.63 -3.69
C THR A 301 0.93 37.23 -4.26
N TYR A 302 1.08 38.00 -5.31
CA TYR A 302 -0.01 38.55 -6.01
C TYR A 302 0.05 37.99 -7.44
N TYR A 303 -1.04 37.33 -7.87
CA TYR A 303 -1.12 36.70 -9.18
C TYR A 303 -1.91 37.57 -10.06
N PHE A 304 -1.28 38.13 -11.09
CA PHE A 304 -2.04 38.85 -12.10
C PHE A 304 -2.78 37.90 -12.95
N ASN A 305 -2.17 36.75 -13.25
CA ASN A 305 -2.86 35.67 -13.99
C ASN A 305 -1.99 34.46 -13.93
N LYS A 306 -2.30 33.44 -14.75
CA LYS A 306 -1.47 32.25 -14.75
C LYS A 306 -0.02 32.52 -15.17
N ASN A 307 0.24 33.59 -15.92
CA ASN A 307 1.58 33.82 -16.44
C ASN A 307 2.42 34.81 -15.70
N MET A 308 1.78 35.68 -14.91
CA MET A 308 2.56 36.76 -14.23
C MET A 308 2.26 36.85 -12.77
N SER A 309 3.31 36.93 -11.93
CA SER A 309 3.04 37.21 -10.55
C SER A 309 4.15 38.06 -9.93
N THR A 310 3.85 38.60 -8.74
CA THR A 310 4.86 39.28 -7.97
C THR A 310 4.78 38.86 -6.50
N TYR A 311 5.83 39.04 -5.74
CA TYR A 311 5.75 38.57 -4.40
C TYR A 311 6.77 39.25 -3.49
N VAL A 312 6.43 39.25 -2.21
CA VAL A 312 7.34 39.67 -1.18
C VAL A 312 7.43 38.57 -0.14
N ASP A 313 8.59 38.34 0.43
CA ASP A 313 8.61 37.33 1.42
C ASP A 313 9.56 37.76 2.51
N TYR A 314 9.09 37.84 3.78
CA TYR A 314 9.88 38.39 4.87
C TYR A 314 10.16 37.29 5.93
N ILE A 315 11.43 37.06 6.24
CA ILE A 315 11.82 36.00 7.14
C ILE A 315 12.28 36.61 8.45
N ILE A 316 11.47 36.40 9.51
CA ILE A 316 11.79 36.92 10.84
C ILE A 316 12.55 35.86 11.56
N ASN A 317 13.85 35.98 11.47
CA ASN A 317 14.78 34.94 11.88
C ASN A 317 14.93 34.88 13.41
N GLN A 318 14.72 33.69 14.00
CA GLN A 318 14.89 33.51 15.45
C GLN A 318 16.21 32.91 15.82
N ILE A 319 17.05 32.51 14.87
CA ILE A 319 18.38 32.06 15.27
C ILE A 319 19.02 33.26 16.02
N ASP A 320 19.60 33.00 17.19
CA ASP A 320 20.33 34.04 17.92
C ASP A 320 21.77 34.16 17.42
N SER A 321 22.45 35.23 17.85
CA SER A 321 23.83 35.58 17.43
C SER A 321 24.89 34.71 18.06
N ASP A 322 24.52 33.95 19.08
CA ASP A 322 25.49 33.06 19.73
C ASP A 322 25.38 31.59 19.25
N ASN A 323 24.51 31.32 18.26
CA ASN A 323 24.32 29.97 17.69
C ASN A 323 25.66 29.28 17.53
N LYS A 324 25.79 28.07 18.07
CA LYS A 324 27.11 27.40 18.09
C LYS A 324 27.72 26.97 16.74
N LEU A 325 26.91 26.84 15.68
CA LEU A 325 27.45 26.43 14.36
C LEU A 325 27.83 27.63 13.48
N GLY A 326 27.36 28.81 13.88
CA GLY A 326 27.65 30.00 13.12
C GLY A 326 26.58 30.23 12.08
N VAL A 327 25.39 29.66 12.31
CA VAL A 327 24.22 29.91 11.49
C VAL A 327 23.79 31.38 11.62
N GLY A 328 23.57 32.08 10.50
CA GLY A 328 23.14 33.50 10.54
C GLY A 328 21.86 33.83 11.32
N SER A 329 21.85 34.97 12.04
CA SER A 329 20.71 35.47 12.85
C SER A 329 19.83 36.55 12.25
N ASP A 330 20.32 37.25 11.23
CA ASP A 330 19.59 38.45 10.74
C ASP A 330 18.49 38.04 9.84
N ASP A 331 17.48 38.91 9.74
CA ASP A 331 16.34 38.71 8.88
C ASP A 331 16.67 38.82 7.36
N THR A 332 15.69 38.55 6.47
CA THR A 332 15.91 38.70 5.02
C THR A 332 14.57 38.95 4.45
N VAL A 333 14.45 39.93 3.54
CA VAL A 333 13.21 40.08 2.74
C VAL A 333 13.63 39.87 1.27
N ALA A 334 12.77 39.19 0.48
CA ALA A 334 13.09 38.93 -0.88
C ALA A 334 11.91 39.56 -1.60
N VAL A 335 12.13 40.12 -2.78
CA VAL A 335 11.11 40.71 -3.63
C VAL A 335 11.30 40.12 -5.00
N GLY A 336 10.24 39.71 -5.71
CA GLY A 336 10.41 39.00 -6.97
C GLY A 336 9.26 39.34 -7.94
N ILE A 337 9.57 39.30 -9.23
CA ILE A 337 8.56 39.43 -10.26
C ILE A 337 8.76 38.21 -11.22
N VAL A 338 7.69 37.60 -11.72
CA VAL A 338 7.89 36.28 -12.32
C VAL A 338 7.10 36.29 -13.56
N TYR A 339 7.73 36.04 -14.70
CA TYR A 339 6.94 35.78 -15.89
C TYR A 339 7.15 34.26 -16.13
N GLN A 340 6.10 33.51 -16.45
CA GLN A 340 6.25 32.04 -16.66
C GLN A 340 5.24 31.57 -17.68
N PHE A 341 5.57 30.42 -18.27
CA PHE A 341 4.78 29.92 -19.39
C PHE A 341 4.85 28.43 -19.38
N GLY B 9 20.16 -25.14 -4.82
CA GLY B 9 19.34 -24.74 -3.63
C GLY B 9 17.86 -24.83 -3.94
N ASN B 10 17.39 -26.02 -4.31
CA ASN B 10 15.96 -26.28 -4.41
C ASN B 10 15.46 -27.15 -3.23
N LYS B 11 14.27 -26.83 -2.74
CA LYS B 11 13.65 -27.61 -1.69
C LYS B 11 12.21 -27.86 -2.14
N VAL B 12 11.76 -29.11 -2.18
CA VAL B 12 10.39 -29.46 -2.58
C VAL B 12 9.75 -30.25 -1.41
N ASP B 13 8.59 -29.84 -0.95
CA ASP B 13 7.87 -30.61 0.03
C ASP B 13 6.77 -31.32 -0.72
N LEU B 14 6.82 -32.65 -0.73
CA LEU B 14 5.78 -33.49 -1.17
C LEU B 14 4.88 -33.65 0.05
N TYR B 15 3.57 -33.31 -0.05
CA TYR B 15 2.71 -33.33 1.13
C TYR B 15 1.37 -33.97 0.83
N GLY B 16 0.67 -34.39 1.89
CA GLY B 16 -0.74 -34.72 1.72
C GLY B 16 -1.40 -35.23 2.98
N LYS B 17 -2.60 -35.79 2.82
CA LYS B 17 -3.33 -36.30 3.96
C LYS B 17 -4.35 -37.32 3.58
N ALA B 18 -4.61 -38.19 4.54
CA ALA B 18 -5.68 -39.12 4.41
C ALA B 18 -6.66 -38.81 5.51
N VAL B 19 -7.91 -38.51 5.13
CA VAL B 19 -8.90 -38.10 6.10
C VAL B 19 -10.16 -38.99 6.14
N GLY B 20 -10.27 -39.88 7.14
CA GLY B 20 -11.52 -40.61 7.38
C GLY B 20 -12.56 -39.69 7.99
N LEU B 21 -13.73 -39.59 7.34
CA LEU B 21 -14.60 -38.56 7.66
C LEU B 21 -16.06 -39.02 7.43
N HIS B 22 -16.90 -38.82 8.44
CA HIS B 22 -18.27 -39.26 8.37
C HIS B 22 -19.18 -38.12 8.84
N TYR B 23 -20.26 -37.89 8.11
CA TYR B 23 -21.24 -36.86 8.48
C TYR B 23 -22.57 -37.54 8.96
N PHE B 24 -23.08 -37.09 10.09
CA PHE B 24 -24.35 -37.59 10.63
C PHE B 24 -25.37 -36.47 10.63
N SER B 25 -26.41 -36.63 9.82
CA SER B 25 -27.55 -35.77 9.85
C SER B 25 -28.81 -36.64 9.83
N LYS B 26 -29.94 -36.06 10.25
CA LYS B 26 -31.11 -36.90 10.40
C LYS B 26 -31.64 -37.31 9.01
N GLY B 27 -32.10 -38.55 8.95
CA GLY B 27 -32.71 -39.13 7.74
C GLY B 27 -31.87 -38.95 6.51
N ASN B 28 -32.31 -38.01 5.67
CA ASN B 28 -31.76 -37.88 4.31
C ASN B 28 -30.21 -37.72 4.11
N GLY B 29 -29.49 -36.76 4.69
CA GLY B 29 -29.95 -35.48 5.21
C GLY B 29 -29.87 -34.47 4.09
N GLU B 30 -30.80 -34.60 3.14
CA GLU B 30 -30.91 -33.70 2.01
C GLU B 30 -31.56 -32.38 2.45
N ASN B 31 -32.15 -32.36 3.65
CA ASN B 31 -32.58 -31.11 4.27
C ASN B 31 -31.66 -30.72 5.46
N SER B 32 -30.38 -31.11 5.40
CA SER B 32 -29.41 -30.74 6.45
C SER B 32 -28.35 -29.69 6.04
N TYR B 33 -27.58 -29.23 7.01
CA TYR B 33 -26.49 -28.32 6.68
C TYR B 33 -25.45 -29.01 5.75
N GLY B 34 -24.95 -30.17 6.15
CA GLY B 34 -23.75 -30.73 5.55
C GLY B 34 -23.96 -32.02 4.76
N GLY B 35 -25.14 -32.64 4.90
CA GLY B 35 -25.45 -33.94 4.24
C GLY B 35 -25.18 -35.06 5.22
N ASN B 36 -25.19 -36.31 4.73
CA ASN B 36 -25.05 -37.52 5.59
C ASN B 36 -24.26 -38.59 4.82
N GLY B 37 -23.42 -39.34 5.50
CA GLY B 37 -22.72 -40.47 4.88
C GLY B 37 -21.21 -40.33 5.03
N ASP B 38 -20.50 -41.27 4.45
CA ASP B 38 -19.03 -41.21 4.26
C ASP B 38 -18.65 -39.95 3.43
N MET B 39 -17.66 -39.22 3.91
CA MET B 39 -17.14 -38.01 3.20
C MET B 39 -15.59 -38.04 3.24
N THR B 40 -15.04 -39.21 3.56
CA THR B 40 -13.57 -39.54 3.46
C THR B 40 -12.91 -38.97 2.15
N TYR B 41 -11.70 -38.46 2.24
CA TYR B 41 -10.93 -37.97 1.09
C TYR B 41 -9.47 -37.94 1.45
N ALA B 42 -8.69 -37.69 0.42
CA ALA B 42 -7.22 -37.55 0.55
C ALA B 42 -6.82 -36.32 -0.27
N ARG B 43 -5.68 -35.77 0.09
CA ARG B 43 -5.09 -34.65 -0.61
C ARG B 43 -3.63 -35.09 -0.98
N LEU B 44 -3.12 -34.58 -2.08
CA LEU B 44 -1.68 -34.74 -2.41
C LEU B 44 -1.25 -33.42 -3.04
N GLY B 45 -0.04 -32.98 -2.80
CA GLY B 45 0.41 -31.76 -3.46
C GLY B 45 1.93 -31.69 -3.37
N PHE B 46 2.52 -30.71 -4.06
CA PHE B 46 3.91 -30.40 -3.79
C PHE B 46 4.01 -28.85 -3.60
N LYS B 47 4.96 -28.38 -2.81
CA LYS B 47 5.36 -26.97 -2.84
C LYS B 47 6.84 -26.89 -2.86
N GLY B 48 7.32 -26.10 -3.80
CA GLY B 48 8.75 -26.05 -4.08
C GLY B 48 9.23 -24.61 -4.02
N GLU B 49 10.44 -24.42 -3.52
CA GLU B 49 11.06 -23.11 -3.70
C GLU B 49 12.56 -23.27 -3.96
N THR B 50 13.04 -22.48 -4.91
CA THR B 50 14.44 -22.52 -5.32
C THR B 50 15.09 -21.12 -5.02
N GLN B 51 16.26 -21.12 -4.40
CA GLN B 51 17.00 -19.88 -4.11
C GLN B 51 17.80 -19.54 -5.36
N ILE B 52 17.28 -18.63 -6.21
CA ILE B 52 17.91 -18.26 -7.50
C ILE B 52 19.17 -17.40 -7.29
N ASN B 53 19.05 -16.34 -6.50
CA ASN B 53 20.25 -15.71 -5.90
C ASN B 53 19.86 -15.28 -4.51
N SER B 54 20.68 -14.46 -3.88
CA SER B 54 20.47 -14.04 -2.51
C SER B 54 19.20 -13.19 -2.34
N ASP B 55 18.72 -12.56 -3.41
CA ASP B 55 17.49 -11.77 -3.32
C ASP B 55 16.26 -12.28 -4.13
N LEU B 56 16.42 -13.34 -4.94
CA LEU B 56 15.32 -13.81 -5.80
C LEU B 56 15.15 -15.31 -5.53
N THR B 57 13.89 -15.70 -5.29
CA THR B 57 13.45 -17.06 -5.04
C THR B 57 12.29 -17.36 -6.04
N GLY B 58 12.29 -18.55 -6.66
CA GLY B 58 11.16 -19.00 -7.50
C GLY B 58 10.39 -20.05 -6.71
N TYR B 59 9.12 -20.30 -7.04
CA TYR B 59 8.37 -21.22 -6.23
C TYR B 59 7.18 -21.68 -7.06
N GLY B 60 6.59 -22.82 -6.69
CA GLY B 60 5.45 -23.37 -7.42
C GLY B 60 4.73 -24.27 -6.44
N GLN B 61 3.44 -24.51 -6.68
CA GLN B 61 2.69 -25.37 -5.79
C GLN B 61 1.56 -26.02 -6.63
N TRP B 62 1.30 -27.29 -6.36
CA TRP B 62 0.14 -27.95 -6.98
C TRP B 62 -0.48 -28.77 -5.82
N GLU B 63 -1.81 -28.92 -5.78
CA GLU B 63 -2.52 -29.61 -4.72
C GLU B 63 -3.78 -30.18 -5.35
N TYR B 64 -4.05 -31.45 -5.04
CA TYR B 64 -5.17 -32.13 -5.67
C TYR B 64 -6.05 -32.77 -4.59
N ASN B 65 -7.33 -32.87 -4.88
CA ASN B 65 -8.28 -33.53 -3.99
C ASN B 65 -8.79 -34.81 -4.63
N PHE B 66 -8.57 -35.91 -3.94
CA PHE B 66 -9.04 -37.24 -4.35
C PHE B 66 -10.14 -37.66 -3.35
N GLN B 67 -11.40 -37.74 -3.77
CA GLN B 67 -12.48 -38.20 -2.88
C GLN B 67 -12.28 -39.68 -2.61
N GLY B 68 -12.52 -40.07 -1.36
CA GLY B 68 -12.33 -41.46 -0.88
C GLY B 68 -13.70 -42.08 -0.62
N ASN B 69 -14.75 -41.44 -1.13
CA ASN B 69 -16.11 -41.88 -0.82
C ASN B 69 -16.92 -42.18 -2.08
N ASN B 70 -16.22 -42.46 -3.18
CA ASN B 70 -16.81 -42.92 -4.39
C ASN B 70 -16.51 -44.41 -4.56
N SER B 71 -17.29 -45.10 -5.38
CA SER B 71 -16.94 -46.48 -5.73
C SER B 71 -15.78 -46.54 -6.77
N GLU B 72 -15.39 -47.75 -7.20
CA GLU B 72 -14.39 -47.87 -8.27
C GLU B 72 -15.06 -48.01 -9.65
N GLY B 73 -16.38 -47.81 -9.72
CA GLY B 73 -17.11 -47.81 -10.98
C GLY B 73 -17.23 -46.42 -11.59
N ALA B 74 -18.40 -46.12 -12.14
CA ALA B 74 -18.52 -44.98 -13.04
C ALA B 74 -18.48 -43.64 -12.32
N ASP B 75 -18.89 -43.60 -11.05
CA ASP B 75 -18.82 -42.39 -10.26
C ASP B 75 -17.40 -42.13 -9.64
N ALA B 76 -16.38 -42.91 -10.04
CA ALA B 76 -15.03 -42.88 -9.43
C ALA B 76 -14.39 -41.47 -9.28
N GLN B 77 -14.67 -40.58 -10.23
CA GLN B 77 -14.03 -39.27 -10.23
C GLN B 77 -14.86 -38.14 -9.58
N THR B 78 -16.03 -38.45 -9.00
CA THR B 78 -16.90 -37.40 -8.42
C THR B 78 -16.12 -36.61 -7.40
N GLY B 79 -16.04 -35.28 -7.62
CA GLY B 79 -15.44 -34.35 -6.63
C GLY B 79 -13.91 -34.36 -6.62
N ASN B 80 -13.27 -35.02 -7.60
CA ASN B 80 -11.77 -34.94 -7.65
C ASN B 80 -11.42 -33.71 -8.50
N LYS B 81 -10.39 -32.99 -8.08
CA LYS B 81 -10.03 -31.75 -8.68
C LYS B 81 -8.64 -31.29 -8.22
N THR B 82 -8.04 -30.47 -9.09
CA THR B 82 -6.93 -29.69 -8.71
C THR B 82 -7.46 -28.52 -7.91
N ARG B 83 -6.77 -28.27 -6.78
CA ARG B 83 -7.13 -27.14 -5.94
C ARG B 83 -6.32 -25.89 -6.17
N LEU B 84 -5.01 -26.07 -6.34
CA LEU B 84 -4.01 -25.01 -6.50
C LEU B 84 -3.10 -25.49 -7.62
N ALA B 85 -2.69 -24.56 -8.47
CA ALA B 85 -1.64 -24.84 -9.50
C ALA B 85 -1.07 -23.51 -9.95
N PHE B 86 0.10 -23.09 -9.44
CA PHE B 86 0.61 -21.79 -9.72
C PHE B 86 2.12 -21.81 -9.57
N ALA B 87 2.76 -20.82 -10.23
CA ALA B 87 4.20 -20.64 -10.01
C ALA B 87 4.55 -19.13 -9.88
N GLY B 88 5.67 -18.76 -9.23
CA GLY B 88 5.94 -17.35 -9.12
C GLY B 88 7.38 -17.01 -8.75
N LEU B 89 7.66 -15.73 -8.56
CA LEU B 89 9.00 -15.20 -8.14
C LEU B 89 8.83 -14.22 -7.01
N LYS B 90 9.79 -14.19 -6.12
CA LYS B 90 9.71 -13.39 -4.97
C LYS B 90 11.09 -12.71 -4.87
N TYR B 91 11.08 -11.39 -4.89
CA TYR B 91 12.28 -10.60 -4.95
C TYR B 91 12.44 -9.77 -3.69
N ALA B 92 13.50 -10.07 -2.95
CA ALA B 92 13.97 -9.36 -1.72
C ALA B 92 12.86 -8.70 -0.96
N ASP B 93 12.75 -7.38 -0.99
CA ASP B 93 11.65 -6.77 -0.24
C ASP B 93 10.61 -6.16 -1.15
N VAL B 94 10.85 -6.31 -2.44
CA VAL B 94 10.01 -5.76 -3.50
C VAL B 94 8.65 -6.43 -3.59
N GLY B 95 8.61 -7.74 -3.34
CA GLY B 95 7.33 -8.48 -3.46
C GLY B 95 7.41 -9.82 -4.21
N SER B 96 6.30 -10.55 -4.17
CA SER B 96 6.14 -11.81 -4.87
C SER B 96 5.12 -11.59 -5.97
N PHE B 97 5.30 -12.29 -7.10
N PHE B 97 5.24 -12.38 -7.06
CA PHE B 97 4.30 -12.32 -8.14
CA PHE B 97 4.42 -12.27 -8.27
C PHE B 97 4.15 -13.79 -8.45
C PHE B 97 4.12 -13.70 -8.81
N ASP B 98 2.91 -14.22 -8.60
CA ASP B 98 2.62 -15.61 -9.03
C ASP B 98 1.40 -15.61 -9.91
N TYR B 99 1.27 -16.60 -10.79
CA TYR B 99 0.10 -16.77 -11.66
C TYR B 99 -0.41 -18.23 -11.72
N GLY B 100 -1.73 -18.44 -11.87
CA GLY B 100 -2.28 -19.79 -12.06
C GLY B 100 -3.63 -19.94 -11.30
N ARG B 101 -3.86 -21.12 -10.70
CA ARG B 101 -5.08 -21.34 -9.90
C ARG B 101 -4.67 -21.13 -8.45
N ASN B 102 -5.26 -20.10 -7.83
CA ASN B 102 -4.78 -19.75 -6.46
C ASN B 102 -5.96 -19.17 -5.69
N TYR B 103 -5.74 -18.81 -4.44
CA TYR B 103 -6.81 -18.18 -3.67
C TYR B 103 -7.05 -16.74 -4.12
N GLY B 104 -8.34 -16.44 -4.33
CA GLY B 104 -8.80 -15.05 -4.45
C GLY B 104 -8.29 -14.19 -3.27
N VAL B 105 -8.00 -12.93 -3.56
CA VAL B 105 -7.41 -12.00 -2.59
C VAL B 105 -8.46 -11.58 -1.51
N VAL B 106 -9.76 -11.72 -1.80
CA VAL B 106 -10.77 -11.53 -0.73
C VAL B 106 -10.69 -12.62 0.36
N TYR B 107 -10.12 -13.79 0.01
CA TYR B 107 -9.84 -14.80 0.99
C TYR B 107 -8.75 -14.35 1.99
N ASP B 108 -7.98 -13.30 1.65
CA ASP B 108 -7.00 -12.75 2.60
C ASP B 108 -7.70 -12.21 3.87
N ALA B 109 -8.97 -11.80 3.71
CA ALA B 109 -9.85 -11.46 4.86
C ALA B 109 -10.56 -12.69 5.32
N LEU B 110 -11.22 -13.43 4.42
CA LEU B 110 -12.06 -14.57 4.85
C LEU B 110 -11.29 -15.68 5.54
N GLY B 111 -9.98 -15.76 5.32
CA GLY B 111 -9.19 -16.79 6.04
C GLY B 111 -9.24 -16.65 7.57
N TYR B 112 -9.43 -15.42 8.07
CA TYR B 112 -9.37 -15.17 9.52
C TYR B 112 -10.30 -16.13 10.31
N THR B 113 -11.50 -16.33 9.79
CA THR B 113 -12.48 -17.18 10.45
C THR B 113 -12.65 -18.59 9.84
N ASP B 114 -11.94 -18.88 8.73
CA ASP B 114 -12.00 -20.22 8.06
C ASP B 114 -11.12 -21.19 8.82
N MET B 115 -11.49 -21.52 10.06
CA MET B 115 -10.59 -22.18 11.01
C MET B 115 -11.29 -23.34 11.75
N LEU B 116 -12.51 -23.69 11.31
CA LEU B 116 -13.24 -24.73 12.07
C LEU B 116 -12.68 -26.15 11.82
N PRO B 117 -12.90 -27.08 12.78
CA PRO B 117 -12.36 -28.46 12.60
C PRO B 117 -12.80 -29.01 11.26
N GLU B 118 -14.06 -28.78 10.88
CA GLU B 118 -14.49 -29.31 9.61
C GLU B 118 -15.30 -28.34 8.73
N PHE B 119 -16.23 -27.61 9.32
CA PHE B 119 -17.09 -26.78 8.47
C PHE B 119 -16.53 -25.33 8.41
N GLY B 120 -17.41 -24.31 8.43
CA GLY B 120 -16.97 -22.89 8.49
C GLY B 120 -16.53 -22.41 7.11
N GLY B 121 -16.09 -21.15 7.02
CA GLY B 121 -15.66 -20.54 5.77
C GLY B 121 -16.73 -20.61 4.71
N ASP B 122 -17.98 -20.44 5.11
CA ASP B 122 -19.14 -20.71 4.19
C ASP B 122 -19.26 -19.71 3.05
N THR B 123 -18.64 -18.54 3.18
CA THR B 123 -18.78 -17.57 2.09
C THR B 123 -17.54 -17.60 1.11
N ALA B 124 -16.53 -18.41 1.47
CA ALA B 124 -15.35 -18.54 0.65
C ALA B 124 -15.59 -19.62 -0.43
N TYR B 125 -16.59 -19.43 -1.33
CA TYR B 125 -16.91 -20.33 -2.41
C TYR B 125 -15.73 -20.46 -3.41
N SER B 126 -15.51 -21.67 -3.88
CA SER B 126 -14.65 -21.97 -5.02
C SER B 126 -15.17 -21.40 -6.32
N ASP B 127 -14.24 -21.01 -7.20
CA ASP B 127 -14.61 -20.45 -8.52
C ASP B 127 -15.74 -19.44 -8.36
N ASP B 128 -15.45 -18.44 -7.54
CA ASP B 128 -16.43 -17.42 -7.23
C ASP B 128 -15.78 -16.08 -7.13
N PHE B 129 -15.27 -15.58 -8.26
CA PHE B 129 -14.52 -14.33 -8.24
C PHE B 129 -13.35 -14.33 -7.24
N PHE B 130 -13.40 -13.53 -6.18
CA PHE B 130 -12.26 -13.28 -5.29
C PHE B 130 -12.29 -13.97 -3.95
N VAL B 131 -13.33 -14.73 -3.68
CA VAL B 131 -13.52 -15.23 -2.28
C VAL B 131 -12.89 -16.60 -1.96
N GLY B 132 -12.54 -17.35 -3.00
CA GLY B 132 -12.01 -18.71 -2.76
C GLY B 132 -11.00 -19.06 -3.84
N ARG B 133 -10.77 -20.35 -4.09
CA ARG B 133 -9.75 -20.72 -5.12
C ARG B 133 -10.35 -20.47 -6.48
N VAL B 134 -9.54 -19.98 -7.41
CA VAL B 134 -10.07 -19.56 -8.68
C VAL B 134 -8.96 -19.66 -9.71
N GLY B 135 -9.35 -19.89 -10.96
CA GLY B 135 -8.35 -20.07 -12.03
C GLY B 135 -8.00 -18.78 -12.73
N GLY B 136 -6.71 -18.66 -13.08
CA GLY B 136 -6.26 -17.60 -13.96
C GLY B 136 -6.09 -16.23 -13.26
N VAL B 137 -5.45 -16.19 -12.08
CA VAL B 137 -5.25 -14.98 -11.32
C VAL B 137 -3.79 -14.71 -11.22
N ALA B 138 -3.40 -13.46 -11.43
CA ALA B 138 -2.03 -13.02 -11.17
C ALA B 138 -2.07 -12.17 -9.95
N THR B 139 -1.25 -12.51 -8.98
CA THR B 139 -1.36 -11.92 -7.71
C THR B 139 0.00 -11.41 -7.35
N TYR B 140 0.06 -10.16 -6.92
CA TYR B 140 1.23 -9.55 -6.39
C TYR B 140 1.09 -9.36 -4.87
N ARG B 141 2.12 -9.65 -4.05
CA ARG B 141 1.98 -9.48 -2.63
C ARG B 141 3.22 -8.86 -2.09
N ASN B 142 3.03 -8.10 -1.01
CA ASN B 142 4.06 -7.27 -0.45
C ASN B 142 4.06 -7.47 1.03
N SER B 143 5.22 -7.72 1.62
CA SER B 143 5.30 -7.87 3.03
C SER B 143 6.03 -6.70 3.64
N ASN B 144 5.47 -6.22 4.78
CA ASN B 144 6.04 -5.17 5.57
C ASN B 144 6.27 -3.89 4.72
N PHE B 145 5.35 -3.52 3.80
CA PHE B 145 5.54 -2.32 2.93
C PHE B 145 6.96 -2.16 2.44
N PHE B 146 7.32 -3.02 1.49
CA PHE B 146 8.69 -3.01 0.93
C PHE B 146 9.79 -3.14 1.92
N GLY B 147 9.49 -3.70 3.09
CA GLY B 147 10.56 -3.90 4.11
C GLY B 147 10.63 -2.64 4.97
N LEU B 148 9.70 -1.69 4.77
CA LEU B 148 9.80 -0.41 5.50
C LEU B 148 8.94 -0.30 6.76
N VAL B 149 7.78 -0.96 6.77
CA VAL B 149 6.83 -0.90 7.88
C VAL B 149 6.45 -2.34 8.34
N ASP B 150 7.14 -2.81 9.37
CA ASP B 150 6.84 -4.13 10.03
C ASP B 150 5.35 -4.29 10.25
N GLY B 151 4.74 -5.24 9.57
CA GLY B 151 3.41 -5.77 9.96
C GLY B 151 2.35 -5.32 9.00
N LEU B 152 2.71 -4.40 8.09
CA LEU B 152 1.79 -3.87 7.07
C LEU B 152 1.99 -4.59 5.72
N ASN B 153 0.93 -5.18 5.16
CA ASN B 153 1.06 -6.01 3.97
C ASN B 153 -0.07 -5.62 3.05
N PHE B 154 0.09 -5.84 1.74
CA PHE B 154 -1.05 -5.59 0.80
C PHE B 154 -0.92 -6.52 -0.40
N ALA B 155 -1.91 -6.58 -1.27
CA ALA B 155 -1.76 -7.38 -2.40
C ALA B 155 -2.76 -6.85 -3.42
N VAL B 156 -2.46 -7.06 -4.69
CA VAL B 156 -3.43 -6.86 -5.74
C VAL B 156 -3.47 -8.12 -6.60
N GLN B 157 -4.59 -8.34 -7.26
CA GLN B 157 -4.79 -9.53 -7.95
C GLN B 157 -5.60 -9.20 -9.14
N TYR B 158 -5.15 -9.72 -10.28
CA TYR B 158 -5.81 -9.56 -11.55
C TYR B 158 -6.43 -10.87 -11.97
N LEU B 159 -7.72 -10.84 -12.18
CA LEU B 159 -8.48 -12.02 -12.51
C LEU B 159 -8.83 -12.00 -13.97
N GLY B 160 -8.37 -12.99 -14.74
CA GLY B 160 -8.69 -13.05 -16.16
C GLY B 160 -10.02 -13.74 -16.36
N LYS B 161 -10.75 -13.33 -17.39
CA LYS B 161 -12.05 -13.93 -17.61
C LYS B 161 -11.95 -15.49 -17.79
N ASN B 162 -12.95 -16.24 -17.28
CA ASN B 162 -13.09 -17.68 -17.46
C ASN B 162 -14.53 -17.97 -17.91
N GLU B 163 -14.73 -18.04 -19.22
CA GLU B 163 -16.07 -18.28 -19.75
C GLU B 163 -16.25 -19.76 -19.85
N ARG B 164 -16.79 -20.34 -18.79
CA ARG B 164 -16.96 -21.77 -18.66
C ARG B 164 -18.35 -22.20 -19.09
N ASP B 165 -18.62 -23.50 -18.97
CA ASP B 165 -19.87 -24.07 -19.41
C ASP B 165 -21.01 -23.84 -18.42
N THR B 166 -20.71 -23.33 -17.23
CA THR B 166 -21.77 -23.03 -16.25
C THR B 166 -21.60 -21.59 -15.73
N ALA B 167 -22.72 -20.96 -15.39
CA ALA B 167 -22.73 -19.63 -14.79
C ALA B 167 -22.03 -19.72 -13.46
N ARG B 168 -22.37 -20.74 -12.70
CA ARG B 168 -21.83 -20.86 -11.35
C ARG B 168 -20.28 -20.76 -11.28
N ARG B 169 -19.61 -21.19 -12.34
CA ARG B 169 -18.13 -21.37 -12.32
C ARG B 169 -17.37 -20.36 -13.21
N SER B 170 -18.15 -19.49 -13.88
CA SER B 170 -17.62 -18.43 -14.76
C SER B 170 -17.21 -17.13 -14.02
N ASN B 171 -16.45 -16.25 -14.69
CA ASN B 171 -16.23 -14.88 -14.25
C ASN B 171 -15.75 -14.13 -15.49
N GLY B 172 -15.90 -12.80 -15.50
CA GLY B 172 -15.19 -11.92 -16.47
C GLY B 172 -13.95 -11.37 -15.81
N ASP B 173 -13.26 -10.44 -16.48
CA ASP B 173 -12.05 -9.81 -15.94
C ASP B 173 -12.35 -9.01 -14.70
N GLY B 174 -11.38 -8.87 -13.79
CA GLY B 174 -11.58 -8.13 -12.60
C GLY B 174 -10.28 -7.84 -11.92
N VAL B 175 -10.34 -6.95 -10.92
CA VAL B 175 -9.17 -6.58 -10.10
C VAL B 175 -9.69 -6.58 -8.65
N GLY B 176 -8.81 -6.88 -7.70
CA GLY B 176 -9.19 -6.96 -6.28
C GLY B 176 -7.91 -6.72 -5.53
N GLY B 177 -7.97 -6.44 -4.25
CA GLY B 177 -6.68 -6.26 -3.47
C GLY B 177 -7.01 -6.35 -2.00
N SER B 178 -6.02 -6.17 -1.15
CA SER B 178 -6.22 -6.45 0.26
C SER B 178 -5.14 -5.65 0.90
N ILE B 179 -5.41 -5.17 2.10
CA ILE B 179 -4.41 -4.52 2.96
C ILE B 179 -4.69 -5.06 4.35
N SER B 180 -3.62 -5.33 5.11
CA SER B 180 -3.75 -5.81 6.46
C SER B 180 -2.61 -5.28 7.27
N TYR B 181 -2.83 -5.27 8.58
CA TYR B 181 -1.81 -4.84 9.51
C TYR B 181 -1.91 -5.74 10.75
N GLU B 182 -0.75 -6.17 11.24
CA GLU B 182 -0.60 -7.09 12.36
C GLU B 182 0.45 -6.56 13.30
N TYR B 183 0.13 -6.62 14.59
CA TYR B 183 0.99 -6.09 15.63
C TYR B 183 0.76 -6.87 16.93
N GLU B 184 1.80 -7.58 17.37
CA GLU B 184 1.82 -8.38 18.62
C GLU B 184 0.46 -9.06 18.90
N GLY B 185 0.06 -9.94 17.98
CA GLY B 185 -1.07 -10.77 18.26
C GLY B 185 -2.31 -10.31 17.58
N PHE B 186 -2.45 -9.01 17.35
CA PHE B 186 -3.68 -8.51 16.71
C PHE B 186 -3.49 -8.42 15.19
N GLY B 187 -4.60 -8.44 14.44
CA GLY B 187 -4.49 -8.28 13.02
C GLY B 187 -5.75 -7.60 12.59
N ILE B 188 -5.66 -6.65 11.66
CA ILE B 188 -6.85 -6.19 10.95
C ILE B 188 -6.63 -6.35 9.43
N VAL B 189 -7.69 -6.57 8.64
CA VAL B 189 -7.56 -6.72 7.21
C VAL B 189 -8.80 -6.20 6.55
N GLY B 190 -8.62 -5.56 5.39
CA GLY B 190 -9.74 -5.34 4.44
C GLY B 190 -9.44 -5.84 3.02
N ALA B 191 -10.47 -6.23 2.25
CA ALA B 191 -10.22 -6.75 0.95
C ALA B 191 -11.46 -6.43 0.16
N TYR B 192 -11.27 -6.15 -1.11
CA TYR B 192 -12.36 -5.81 -2.02
C TYR B 192 -11.98 -6.28 -3.40
N GLY B 193 -12.93 -6.78 -4.18
CA GLY B 193 -12.64 -6.98 -5.55
C GLY B 193 -13.88 -6.80 -6.36
N ALA B 194 -13.71 -6.43 -7.62
CA ALA B 194 -14.81 -6.37 -8.61
C ALA B 194 -14.38 -6.89 -9.96
N ALA B 195 -15.33 -7.44 -10.72
CA ALA B 195 -15.09 -8.09 -11.98
C ALA B 195 -16.40 -8.03 -12.79
N ASP B 196 -16.30 -8.08 -14.12
CA ASP B 196 -17.50 -8.23 -14.97
C ASP B 196 -18.08 -9.61 -14.78
N ARG B 197 -19.38 -9.74 -15.08
CA ARG B 197 -20.05 -11.01 -15.14
C ARG B 197 -20.08 -11.34 -16.61
N THR B 198 -20.35 -12.58 -16.94
CA THR B 198 -20.34 -13.01 -18.30
C THR B 198 -21.82 -13.09 -18.75
N ASN B 199 -22.08 -13.17 -20.04
CA ASN B 199 -23.50 -13.21 -20.47
C ASN B 199 -24.29 -14.42 -19.99
N LEU B 200 -23.61 -15.55 -19.84
CA LEU B 200 -24.24 -16.75 -19.28
C LEU B 200 -24.65 -16.45 -17.81
N GLN B 201 -23.80 -15.76 -17.06
CA GLN B 201 -24.19 -15.38 -15.70
C GLN B 201 -25.41 -14.42 -15.69
N GLU B 202 -25.38 -13.42 -16.57
CA GLU B 202 -26.45 -12.41 -16.71
C GLU B 202 -27.79 -13.04 -17.11
N ALA B 203 -27.73 -14.09 -17.92
CA ALA B 203 -28.90 -14.78 -18.41
C ALA B 203 -29.53 -15.65 -17.32
N GLN B 204 -28.91 -15.69 -16.14
CA GLN B 204 -29.52 -16.48 -15.04
C GLN B 204 -30.76 -15.78 -14.48
N PRO B 205 -31.80 -16.55 -14.14
CA PRO B 205 -33.00 -15.95 -13.57
C PRO B 205 -32.69 -15.22 -12.27
N LEU B 206 -31.78 -15.75 -11.44
CA LEU B 206 -31.40 -15.09 -10.17
C LEU B 206 -30.11 -14.26 -10.29
N GLY B 207 -30.20 -12.98 -9.93
CA GLY B 207 -29.10 -12.02 -10.07
C GLY B 207 -29.15 -11.18 -11.34
N ASN B 208 -28.94 -9.89 -11.14
CA ASN B 208 -29.02 -8.90 -12.20
C ASN B 208 -28.00 -7.78 -12.00
N GLY B 209 -27.10 -7.61 -12.97
CA GLY B 209 -26.13 -6.48 -12.98
C GLY B 209 -24.91 -6.80 -13.84
N LYS B 210 -24.08 -5.80 -14.13
CA LYS B 210 -22.91 -6.04 -14.97
C LYS B 210 -21.63 -6.38 -14.18
N LYS B 211 -21.56 -5.92 -12.93
CA LYS B 211 -20.39 -6.11 -12.11
C LYS B 211 -20.71 -6.97 -10.87
N ALA B 212 -19.88 -7.99 -10.63
CA ALA B 212 -19.82 -8.64 -9.30
C ALA B 212 -18.84 -7.87 -8.42
N GLU B 213 -19.14 -7.77 -7.11
CA GLU B 213 -18.23 -7.15 -6.14
C GLU B 213 -18.23 -7.93 -4.83
N GLN B 214 -17.12 -7.93 -4.10
CA GLN B 214 -17.09 -8.69 -2.89
C GLN B 214 -16.18 -7.94 -2.01
N TRP B 215 -16.60 -7.72 -0.76
CA TRP B 215 -15.64 -7.15 0.18
C TRP B 215 -15.83 -7.73 1.54
N ALA B 216 -14.77 -7.68 2.33
CA ALA B 216 -14.85 -8.24 3.61
C ALA B 216 -13.75 -7.64 4.44
N THR B 217 -13.97 -7.55 5.77
CA THR B 217 -13.00 -7.07 6.74
C THR B 217 -12.78 -8.14 7.80
N GLY B 218 -11.67 -8.12 8.51
CA GLY B 218 -11.48 -9.09 9.53
C GLY B 218 -10.67 -8.48 10.65
N LEU B 219 -10.97 -8.93 11.88
CA LEU B 219 -10.22 -8.59 13.07
C LEU B 219 -9.86 -9.85 13.76
N LYS B 220 -8.70 -9.90 14.40
CA LYS B 220 -8.37 -11.13 15.07
C LYS B 220 -7.33 -10.91 16.15
N TYR B 221 -7.35 -11.85 17.07
CA TYR B 221 -6.34 -11.95 18.05
C TYR B 221 -5.85 -13.38 18.02
N ASP B 222 -4.53 -13.54 18.02
CA ASP B 222 -3.89 -14.79 17.72
C ASP B 222 -2.55 -14.78 18.42
N ALA B 223 -2.59 -15.00 19.73
CA ALA B 223 -1.39 -15.20 20.57
C ALA B 223 -1.86 -15.85 21.87
N ASN B 224 -0.90 -16.23 22.69
CA ASN B 224 -1.17 -16.85 24.00
C ASN B 224 -2.15 -18.02 23.96
N ASN B 225 -2.09 -18.84 22.90
CA ASN B 225 -3.00 -20.01 22.72
C ASN B 225 -4.45 -19.65 22.51
N ILE B 226 -4.73 -18.36 22.33
CA ILE B 226 -6.11 -17.94 22.05
C ILE B 226 -6.21 -17.61 20.56
N TYR B 227 -7.42 -17.80 19.97
CA TYR B 227 -7.71 -17.40 18.61
C TYR B 227 -9.14 -16.85 18.57
N LEU B 228 -9.32 -15.55 18.32
CA LEU B 228 -10.63 -14.95 18.19
C LEU B 228 -10.61 -14.18 16.91
N ALA B 229 -11.66 -14.31 16.11
CA ALA B 229 -11.63 -13.60 14.87
C ALA B 229 -13.01 -13.32 14.46
N ALA B 230 -13.18 -12.27 13.65
CA ALA B 230 -14.50 -11.94 13.08
C ALA B 230 -14.32 -11.44 11.67
N ASN B 231 -15.30 -11.65 10.80
CA ASN B 231 -15.28 -11.15 9.47
C ASN B 231 -16.63 -10.59 9.19
N TYR B 232 -16.70 -9.49 8.46
CA TYR B 232 -17.98 -8.94 7.99
C TYR B 232 -17.82 -8.61 6.55
N GLY B 233 -18.80 -8.91 5.72
CA GLY B 233 -18.60 -8.56 4.35
C GLY B 233 -19.88 -8.48 3.62
N GLU B 234 -19.80 -7.91 2.43
CA GLU B 234 -20.94 -7.84 1.55
C GLU B 234 -20.55 -8.26 0.15
N THR B 235 -21.55 -8.62 -0.64
CA THR B 235 -21.33 -9.00 -2.00
C THR B 235 -22.46 -8.42 -2.83
N ARG B 236 -22.18 -8.12 -4.08
CA ARG B 236 -23.23 -7.86 -5.05
C ARG B 236 -23.11 -8.79 -6.24
N ASN B 237 -24.20 -9.45 -6.64
CA ASN B 237 -24.19 -10.22 -7.86
C ASN B 237 -23.09 -11.29 -7.93
N ALA B 238 -22.62 -11.75 -6.76
CA ALA B 238 -21.43 -12.60 -6.64
C ALA B 238 -21.66 -13.94 -5.88
N THR B 239 -22.46 -13.94 -4.82
CA THR B 239 -22.74 -15.18 -4.07
C THR B 239 -23.68 -16.12 -4.84
N PRO B 240 -23.25 -17.38 -5.16
CA PRO B 240 -24.16 -18.18 -5.98
C PRO B 240 -25.31 -18.79 -5.18
N ILE B 241 -26.46 -18.97 -5.81
CA ILE B 241 -27.61 -19.49 -5.07
C ILE B 241 -28.49 -20.36 -5.94
N THR B 242 -29.18 -21.29 -5.30
CA THR B 242 -30.21 -22.10 -5.97
C THR B 242 -31.50 -21.97 -5.15
N ASN B 243 -32.64 -22.00 -5.83
CA ASN B 243 -33.94 -22.22 -5.19
C ASN B 243 -34.37 -23.66 -5.47
N LYS B 244 -34.17 -24.57 -4.51
CA LYS B 244 -34.59 -25.97 -4.68
C LYS B 244 -36.05 -26.10 -5.20
N PHE B 245 -36.93 -25.18 -4.77
CA PHE B 245 -38.36 -25.20 -5.12
C PHE B 245 -38.70 -25.19 -6.62
N THR B 246 -38.30 -24.12 -7.32
CA THR B 246 -38.48 -24.00 -8.78
C THR B 246 -37.30 -24.55 -9.60
N ASN B 247 -36.31 -25.10 -8.89
CA ASN B 247 -35.01 -25.46 -9.45
C ASN B 247 -34.35 -24.39 -10.38
N THR B 248 -34.34 -23.14 -9.93
CA THR B 248 -33.63 -22.09 -10.66
C THR B 248 -32.43 -21.64 -9.81
N SER B 249 -31.41 -21.11 -10.48
CA SER B 249 -30.19 -20.74 -9.79
C SER B 249 -29.51 -19.50 -10.37
N GLY B 250 -28.48 -19.00 -9.71
CA GLY B 250 -27.75 -17.87 -10.20
C GLY B 250 -27.04 -17.23 -9.05
N PHE B 251 -27.14 -15.91 -8.96
CA PHE B 251 -26.42 -15.20 -7.92
C PHE B 251 -27.30 -14.23 -7.13
N ALA B 252 -27.00 -14.12 -5.84
CA ALA B 252 -27.70 -13.20 -4.98
C ALA B 252 -27.32 -11.76 -5.33
N ASN B 253 -28.35 -10.94 -5.64
CA ASN B 253 -28.15 -9.51 -5.87
C ASN B 253 -27.35 -8.85 -4.78
N LYS B 254 -27.68 -9.14 -3.50
CA LYS B 254 -26.83 -8.69 -2.38
C LYS B 254 -26.75 -9.78 -1.33
N THR B 255 -25.68 -9.77 -0.51
CA THR B 255 -25.65 -10.52 0.71
C THR B 255 -24.86 -9.75 1.73
N GLN B 256 -25.07 -10.06 3.01
CA GLN B 256 -24.28 -9.51 4.08
C GLN B 256 -23.99 -10.71 4.92
N ASP B 257 -22.78 -10.77 5.47
CA ASP B 257 -22.20 -12.02 5.91
C ASP B 257 -21.46 -11.66 7.16
N VAL B 258 -21.58 -12.49 8.18
CA VAL B 258 -20.76 -12.32 9.36
C VAL B 258 -20.32 -13.69 9.80
N LEU B 259 -19.14 -13.76 10.42
CA LEU B 259 -18.61 -15.01 10.91
C LEU B 259 -17.75 -14.63 12.07
N LEU B 260 -17.88 -15.40 13.17
CA LEU B 260 -17.15 -15.23 14.37
C LEU B 260 -16.62 -16.56 14.76
N VAL B 261 -15.47 -16.56 15.40
CA VAL B 261 -14.92 -17.80 15.81
C VAL B 261 -14.13 -17.53 17.02
N ALA B 262 -14.14 -18.46 17.98
CA ALA B 262 -13.23 -18.39 19.11
C ALA B 262 -12.76 -19.78 19.42
N GLN B 263 -11.49 -19.92 19.82
CA GLN B 263 -10.86 -21.18 19.98
C GLN B 263 -9.78 -20.97 20.95
N TYR B 264 -9.36 -22.07 21.58
CA TYR B 264 -8.25 -22.06 22.54
C TYR B 264 -7.42 -23.28 22.29
N GLN B 265 -6.08 -23.20 22.38
CA GLN B 265 -5.28 -24.35 22.15
C GLN B 265 -4.59 -24.78 23.44
N PHE B 266 -5.06 -25.91 24.01
CA PHE B 266 -4.48 -26.44 25.23
C PHE B 266 -3.16 -27.05 24.82
N ASP B 267 -2.18 -27.00 25.71
CA ASP B 267 -0.84 -27.57 25.47
C ASP B 267 -0.90 -29.09 25.30
N PHE B 268 -1.86 -29.73 25.95
CA PHE B 268 -1.94 -31.18 25.89
C PHE B 268 -2.60 -31.63 24.55
N GLY B 269 -3.03 -30.67 23.72
CA GLY B 269 -3.43 -31.00 22.37
C GLY B 269 -4.86 -30.79 22.01
N LEU B 270 -5.74 -30.56 22.99
CA LEU B 270 -7.13 -30.28 22.62
C LEU B 270 -7.34 -28.82 22.20
N ARG B 271 -8.19 -28.62 21.19
CA ARG B 271 -8.49 -27.31 20.59
C ARG B 271 -9.98 -27.16 20.37
N PRO B 272 -10.68 -26.71 21.43
CA PRO B 272 -12.09 -26.37 21.33
C PRO B 272 -12.40 -25.17 20.46
N SER B 273 -13.58 -25.17 19.85
CA SER B 273 -13.94 -24.13 18.97
C SER B 273 -15.39 -23.85 19.21
N ILE B 274 -15.76 -22.55 19.19
CA ILE B 274 -17.12 -22.15 19.05
C ILE B 274 -17.20 -21.10 17.96
N ALA B 275 -18.33 -21.03 17.26
CA ALA B 275 -18.34 -20.16 16.12
C ALA B 275 -19.76 -19.77 15.87
N TYR B 276 -19.91 -18.63 15.17
CA TYR B 276 -21.19 -18.22 14.66
C TYR B 276 -21.05 -17.77 13.22
N THR B 277 -22.05 -18.08 12.39
CA THR B 277 -22.02 -17.71 11.00
C THR B 277 -23.40 -17.36 10.47
N LYS B 278 -23.51 -16.22 9.77
CA LYS B 278 -24.76 -15.91 9.08
C LYS B 278 -24.47 -15.15 7.82
N SER B 279 -25.17 -15.57 6.79
CA SER B 279 -25.10 -14.96 5.53
C SER B 279 -26.54 -14.82 5.06
N LYS B 280 -26.97 -13.58 4.81
CA LYS B 280 -28.33 -13.31 4.31
C LYS B 280 -28.25 -12.63 2.95
N ALA B 281 -29.07 -13.11 2.03
CA ALA B 281 -29.21 -12.57 0.71
C ALA B 281 -30.35 -11.55 0.73
N LYS B 282 -30.24 -10.53 -0.13
CA LYS B 282 -31.27 -9.50 -0.23
C LYS B 282 -31.61 -9.30 -1.70
N ASP B 283 -32.82 -8.80 -1.94
CA ASP B 283 -33.31 -8.53 -3.30
C ASP B 283 -33.28 -9.73 -4.20
N VAL B 284 -33.40 -10.92 -3.63
CA VAL B 284 -33.41 -12.13 -4.43
C VAL B 284 -34.67 -12.06 -5.25
N GLU B 285 -34.54 -12.01 -6.57
CA GLU B 285 -35.75 -11.93 -7.39
C GLU B 285 -36.78 -13.01 -7.06
N GLY B 286 -38.00 -12.55 -6.75
CA GLY B 286 -39.13 -13.45 -6.50
C GLY B 286 -39.23 -13.82 -5.04
N ILE B 287 -38.36 -13.28 -4.18
CA ILE B 287 -38.34 -13.65 -2.75
C ILE B 287 -38.11 -12.50 -1.78
N GLY B 288 -37.18 -11.61 -2.09
CA GLY B 288 -36.81 -10.57 -1.15
C GLY B 288 -35.65 -10.99 -0.28
N ASP B 289 -35.81 -10.85 1.04
CA ASP B 289 -34.78 -11.28 2.00
C ASP B 289 -34.84 -12.77 2.39
N VAL B 290 -33.69 -13.46 2.33
CA VAL B 290 -33.60 -14.90 2.68
C VAL B 290 -32.22 -15.30 3.20
N ASP B 291 -32.20 -16.05 4.30
CA ASP B 291 -30.96 -16.52 4.90
C ASP B 291 -30.33 -17.60 4.02
N LEU B 292 -29.00 -17.60 3.94
CA LEU B 292 -28.33 -18.63 3.13
C LEU B 292 -27.68 -19.57 4.09
N VAL B 293 -27.08 -19.00 5.15
CA VAL B 293 -26.33 -19.72 6.18
C VAL B 293 -26.64 -19.03 7.48
N ASN B 294 -26.91 -19.84 8.49
CA ASN B 294 -27.21 -19.31 9.79
C ASN B 294 -27.10 -20.42 10.78
N TYR B 295 -26.03 -20.45 11.58
CA TYR B 295 -25.79 -21.58 12.44
C TYR B 295 -24.84 -21.16 13.51
N PHE B 296 -24.81 -21.96 14.59
CA PHE B 296 -23.83 -21.88 15.64
C PHE B 296 -23.08 -23.15 15.51
N GLU B 297 -21.84 -23.20 16.00
CA GLU B 297 -20.98 -24.35 15.84
C GLU B 297 -20.30 -24.52 17.15
N VAL B 298 -20.19 -25.77 17.61
CA VAL B 298 -19.28 -26.18 18.70
C VAL B 298 -18.55 -27.43 18.22
N GLY B 299 -17.26 -27.49 18.53
CA GLY B 299 -16.51 -28.63 18.04
C GLY B 299 -15.17 -28.63 18.69
N ALA B 300 -14.39 -29.62 18.36
CA ALA B 300 -13.03 -29.65 18.87
C ALA B 300 -12.16 -30.53 17.96
N THR B 301 -10.87 -30.23 17.99
CA THR B 301 -9.85 -31.01 17.34
C THR B 301 -8.92 -31.42 18.43
N TYR B 302 -8.44 -32.65 18.34
CA TYR B 302 -7.47 -33.11 19.27
C TYR B 302 -6.20 -33.47 18.46
N TYR B 303 -5.07 -32.83 18.74
CA TYR B 303 -3.85 -33.06 18.00
C TYR B 303 -3.00 -34.00 18.75
N PHE B 304 -2.79 -35.20 18.22
CA PHE B 304 -1.81 -36.05 18.84
C PHE B 304 -0.44 -35.54 18.61
N ASN B 305 -0.16 -35.01 17.41
CA ASN B 305 1.14 -34.37 17.07
C ASN B 305 0.97 -33.68 15.76
N LYS B 306 2.09 -33.24 15.15
CA LYS B 306 1.96 -32.59 13.83
C LYS B 306 1.35 -33.50 12.74
N ASN B 307 1.38 -34.81 12.90
CA ASN B 307 0.96 -35.69 11.82
C ASN B 307 -0.35 -36.35 12.02
N MET B 308 -0.85 -36.37 13.26
CA MET B 308 -2.11 -37.08 13.50
C MET B 308 -3.07 -36.24 14.27
N SER B 309 -4.33 -36.17 13.81
CA SER B 309 -5.30 -35.54 14.68
C SER B 309 -6.68 -36.18 14.54
N THR B 310 -7.57 -35.88 15.48
CA THR B 310 -8.98 -36.30 15.29
C THR B 310 -9.90 -35.12 15.62
N TYR B 311 -11.16 -35.14 15.17
CA TYR B 311 -11.96 -34.03 15.48
C TYR B 311 -13.45 -34.38 15.40
N VAL B 312 -14.23 -33.57 16.10
CA VAL B 312 -15.68 -33.58 16.00
C VAL B 312 -16.15 -32.19 15.70
N ASP B 313 -17.22 -32.05 14.93
CA ASP B 313 -17.65 -30.73 14.68
C ASP B 313 -19.14 -30.76 14.58
N TYR B 314 -19.85 -29.98 15.42
CA TYR B 314 -21.31 -30.00 15.47
C TYR B 314 -21.91 -28.65 15.02
N ILE B 315 -22.80 -28.67 14.06
CA ILE B 315 -23.41 -27.51 13.48
C ILE B 315 -24.86 -27.41 13.93
N ILE B 316 -25.15 -26.39 14.75
CA ILE B 316 -26.50 -26.19 15.28
C ILE B 316 -27.11 -25.18 14.37
N ASN B 317 -27.84 -25.70 13.42
CA ASN B 317 -28.35 -24.98 12.28
C ASN B 317 -29.61 -24.16 12.65
N GLN B 318 -29.61 -22.86 12.35
CA GLN B 318 -30.71 -21.95 12.69
C GLN B 318 -31.56 -21.67 11.46
N ILE B 319 -31.19 -22.15 10.28
CA ILE B 319 -32.10 -22.03 9.15
C ILE B 319 -33.41 -22.74 9.59
N ASP B 320 -34.54 -22.07 9.42
CA ASP B 320 -35.84 -22.70 9.70
C ASP B 320 -36.32 -23.51 8.50
N SER B 321 -37.38 -24.31 8.73
CA SER B 321 -37.96 -25.23 7.73
C SER B 321 -38.78 -24.55 6.66
N ASP B 322 -39.11 -23.29 6.87
CA ASP B 322 -39.87 -22.53 5.86
C ASP B 322 -39.00 -21.65 4.95
N ASN B 323 -37.66 -21.71 5.11
CA ASN B 323 -36.70 -20.91 4.31
C ASN B 323 -37.14 -20.86 2.85
N LYS B 324 -37.23 -19.68 2.26
CA LYS B 324 -37.82 -19.59 0.90
C LYS B 324 -36.99 -20.20 -0.26
N LEU B 325 -35.68 -20.41 -0.07
CA LEU B 325 -34.85 -21.00 -1.16
C LEU B 325 -34.79 -22.52 -1.09
N GLY B 326 -35.18 -23.07 0.05
CA GLY B 326 -35.14 -24.49 0.19
C GLY B 326 -33.85 -24.93 0.80
N VAL B 327 -33.15 -24.00 1.46
CA VAL B 327 -31.92 -24.28 2.20
C VAL B 327 -32.22 -25.21 3.40
N GLY B 328 -31.47 -26.32 3.54
CA GLY B 328 -31.68 -27.25 4.68
C GLY B 328 -31.68 -26.68 6.11
N SER B 329 -32.61 -27.13 6.97
CA SER B 329 -32.72 -26.70 8.41
C SER B 329 -32.08 -27.61 9.47
N ASP B 330 -31.78 -28.85 9.13
CA ASP B 330 -31.33 -29.81 10.19
C ASP B 330 -29.89 -29.64 10.49
N ASP B 331 -29.49 -30.11 11.67
CA ASP B 331 -28.12 -30.06 12.13
C ASP B 331 -27.19 -31.10 11.45
N THR B 332 -25.86 -31.02 11.69
CA THR B 332 -24.94 -32.03 11.13
C THR B 332 -23.82 -32.13 12.09
N VAL B 333 -23.42 -33.36 12.45
CA VAL B 333 -22.16 -33.57 13.18
C VAL B 333 -21.24 -34.34 12.22
N ALA B 334 -19.96 -33.98 12.24
CA ALA B 334 -18.96 -34.60 11.38
C ALA B 334 -17.97 -35.17 12.35
N VAL B 335 -17.38 -36.34 12.06
CA VAL B 335 -16.28 -36.91 12.87
C VAL B 335 -15.16 -37.29 11.95
N GLY B 336 -13.90 -37.01 12.30
CA GLY B 336 -12.80 -37.20 11.36
C GLY B 336 -11.52 -37.63 12.07
N ILE B 337 -10.71 -38.39 11.34
CA ILE B 337 -9.41 -38.77 11.78
C ILE B 337 -8.45 -38.47 10.62
N VAL B 338 -7.28 -37.91 10.92
CA VAL B 338 -6.54 -37.27 9.88
C VAL B 338 -5.14 -37.71 10.06
N TYR B 339 -4.54 -38.35 9.05
CA TYR B 339 -3.10 -38.58 9.08
C TYR B 339 -2.59 -37.65 7.97
N GLN B 340 -1.52 -36.89 8.23
CA GLN B 340 -0.98 -35.91 7.24
C GLN B 340 0.52 -35.81 7.33
N PHE B 341 1.11 -35.38 6.22
CA PHE B 341 2.59 -35.32 6.22
C PHE B 341 3.01 -34.18 5.35
#